data_7E3U
#
_entry.id   7E3U
#
_cell.length_a   112.667
_cell.length_b   112.667
_cell.length_c   161.432
_cell.angle_alpha   90.000
_cell.angle_beta   90.000
_cell.angle_gamma   120.000
#
_symmetry.space_group_name_H-M   'P 31 2 1'
#
loop_
_entity.id
_entity.type
_entity.pdbx_description
1 polymer D-hydantoinase/dihydropyrimidinase
2 non-polymer 5-AMINO-1H-PYRIMIDINE-2,4-DIONE
3 non-polymer 'ZINC ION'
4 water water
#
_entity_poly.entity_id   1
_entity_poly.type   'polypeptide(L)'
_entity_poly.pdbx_seq_one_letter_code
;MSLLIRGATVVTHEESYRADVLCANGLIQAIGENLETPSGCDVLDGGGQYLMPGGIDPHTHMQLPFMGTVASEDFFSGTA
AGLAGGTTSIIDFVIPNPRQSLLEAFHTWRGWAQKSAADYGFHVAITWWSDEVAREMGELVAQHGVNSF(KCX)HFMAYK
NAIMAADDTLVASFERCLELGAVPTVHAENGELVFHLQQKLLAQGLTGPEAHPLSRPPQVEGEAASRAIRIAETLGTPLY
LVHISSREALDEIAYARAKGQPVYGEVLAGHLLLDDSVYRHPDWATAAGYVMSPPFRPVEHQEALWRGLQSGNLHTTATD
HCCFCAEQKAMGRDDFSKIPNGTAGIEDRMALLWDAGVNSGRLSMHEFVALTSTNTAKIFNLFPRKGAIRVGADADLVLW
DPQGSRTLSAATHHQRVDFNIFEGRTVRGIPSHTISQGKLLWAAGDLRAEPGAGRYVERPAYPSVYEVLGRRAERQRPVA
VER
;
_entity_poly.pdbx_strand_id   A,B
#
# COMPACT_ATOMS: atom_id res chain seq x y z
N SER A 2 -13.90 46.23 22.41
CA SER A 2 -13.36 45.12 23.17
C SER A 2 -14.51 44.28 23.75
N LEU A 3 -14.22 43.03 24.10
CA LEU A 3 -15.25 42.06 24.47
C LEU A 3 -14.73 41.18 25.59
N LEU A 4 -15.45 41.15 26.69
CA LEU A 4 -15.09 40.35 27.85
C LEU A 4 -16.09 39.22 27.97
N ILE A 5 -15.60 37.98 27.99
CA ILE A 5 -16.43 36.81 28.26
C ILE A 5 -16.26 36.47 29.72
N ARG A 6 -17.37 36.47 30.47
CA ARG A 6 -17.31 36.44 31.92
C ARG A 6 -17.98 35.17 32.47
N GLY A 7 -17.31 34.52 33.41
CA GLY A 7 -17.97 33.48 34.18
C GLY A 7 -18.02 32.12 33.52
N ALA A 8 -17.39 31.93 32.37
CA ALA A 8 -17.41 30.64 31.71
C ALA A 8 -16.30 29.73 32.26
N THR A 9 -16.36 28.46 31.89
CA THR A 9 -15.24 27.57 32.12
C THR A 9 -14.41 27.52 30.84
N VAL A 10 -13.15 27.94 30.93
CA VAL A 10 -12.25 27.80 29.78
C VAL A 10 -11.87 26.34 29.62
N VAL A 11 -12.03 25.81 28.42
CA VAL A 11 -11.67 24.43 28.11
C VAL A 11 -10.68 24.48 26.98
N THR A 12 -9.48 23.93 27.21
CA THR A 12 -8.48 23.85 26.15
C THR A 12 -8.30 22.41 25.70
N HIS A 13 -7.25 22.18 24.91
CA HIS A 13 -6.89 20.85 24.45
C HIS A 13 -6.27 20.01 25.55
N GLU A 14 -6.02 20.58 26.74
CA GLU A 14 -5.46 19.80 27.83
C GLU A 14 -6.09 20.04 29.18
N GLU A 15 -6.88 21.09 29.38
CA GLU A 15 -7.30 21.40 30.72
C GLU A 15 -8.55 22.26 30.69
N SER A 16 -9.20 22.36 31.84
CA SER A 16 -10.37 23.20 32.08
C SER A 16 -10.11 24.02 33.33
N TYR A 17 -10.50 25.29 33.30
CA TYR A 17 -10.42 26.12 34.50
C TYR A 17 -11.37 27.29 34.34
N ARG A 18 -11.81 27.83 35.48
CA ARG A 18 -12.71 28.97 35.50
C ARG A 18 -11.93 30.29 35.36
N ALA A 19 -12.33 31.12 34.42
CA ALA A 19 -11.66 32.40 34.22
C ALA A 19 -12.47 33.22 33.23
N ASP A 20 -12.32 34.52 33.30
CA ASP A 20 -12.84 35.38 32.25
C ASP A 20 -11.75 35.60 31.19
N VAL A 21 -12.19 35.99 30.00
CA VAL A 21 -11.29 36.23 28.89
C VAL A 21 -11.63 37.59 28.29
N LEU A 22 -10.65 38.47 28.22
CA LEU A 22 -10.81 39.77 27.58
C LEU A 22 -10.14 39.77 26.21
N CYS A 23 -10.91 40.16 25.20
CA CYS A 23 -10.41 40.35 23.83
C CYS A 23 -10.42 41.83 23.48
N ALA A 24 -9.44 42.23 22.66
CA ALA A 24 -9.44 43.55 22.07
C ALA A 24 -8.45 43.55 20.91
N ASN A 25 -8.75 44.35 19.89
CA ASN A 25 -7.87 44.51 18.73
C ASN A 25 -7.60 43.17 18.06
N GLY A 26 -8.63 42.35 17.94
CA GLY A 26 -8.52 41.05 17.31
C GLY A 26 -7.83 39.98 18.11
N LEU A 27 -7.34 40.31 19.32
CA LEU A 27 -6.48 39.43 20.09
C LEU A 27 -7.07 39.20 21.47
N ILE A 28 -6.61 38.13 22.11
CA ILE A 28 -6.93 37.87 23.50
C ILE A 28 -6.00 38.71 24.37
N GLN A 29 -6.58 39.56 25.20
CA GLN A 29 -5.78 40.54 25.96
C GLN A 29 -5.45 40.05 27.36
N ALA A 30 -6.38 39.38 28.02
CA ALA A 30 -6.20 39.01 29.42
C ALA A 30 -7.03 37.77 29.72
N ILE A 31 -6.53 36.94 30.63
CA ILE A 31 -7.21 35.74 31.11
C ILE A 31 -7.02 35.66 32.62
N GLY A 32 -8.12 35.51 33.37
CA GLY A 32 -8.05 35.40 34.82
C GLY A 32 -9.41 35.47 35.49
N GLU A 33 -9.49 35.04 36.74
CA GLU A 33 -10.76 35.12 37.44
C GLU A 33 -11.10 36.57 37.76
N ASN A 34 -12.38 36.93 37.58
CA ASN A 34 -12.91 38.25 37.93
C ASN A 34 -12.03 39.38 37.40
N LEU A 35 -11.83 39.37 36.09
CA LEU A 35 -11.10 40.46 35.44
C LEU A 35 -11.91 41.75 35.51
N GLU A 36 -11.19 42.85 35.59
CA GLU A 36 -11.84 44.14 35.55
C GLU A 36 -12.29 44.46 34.13
N THR A 37 -13.35 45.25 34.04
CA THR A 37 -13.98 45.60 32.77
C THR A 37 -13.43 46.93 32.26
N PRO A 38 -12.67 46.96 31.15
CA PRO A 38 -12.33 48.26 30.55
C PRO A 38 -13.61 48.97 30.16
N SER A 39 -13.57 50.31 30.19
CA SER A 39 -14.79 51.08 30.00
C SER A 39 -15.18 51.07 28.53
N GLY A 40 -16.49 50.97 28.28
CA GLY A 40 -17.01 50.75 26.95
C GLY A 40 -17.00 49.30 26.50
N CYS A 41 -16.32 48.42 27.25
CA CYS A 41 -16.19 47.03 26.86
C CYS A 41 -17.54 46.32 26.89
N ASP A 42 -17.85 45.57 25.84
CA ASP A 42 -19.00 44.69 25.87
C ASP A 42 -18.73 43.48 26.76
N VAL A 43 -19.77 42.97 27.41
CA VAL A 43 -19.67 41.83 28.30
C VAL A 43 -20.57 40.72 27.79
N LEU A 44 -20.06 39.48 27.83
CA LEU A 44 -20.84 38.29 27.47
C LEU A 44 -20.85 37.39 28.69
N ASP A 45 -22.04 37.07 29.18
CA ASP A 45 -22.16 36.19 30.35
C ASP A 45 -22.05 34.74 29.87
N GLY A 46 -20.98 34.07 30.29
CA GLY A 46 -20.77 32.69 29.89
C GLY A 46 -20.99 31.72 31.03
N GLY A 47 -21.72 32.17 32.05
CA GLY A 47 -21.98 31.31 33.19
C GLY A 47 -22.64 30.01 32.76
N GLY A 48 -22.16 28.90 33.32
CA GLY A 48 -22.63 27.58 32.94
C GLY A 48 -22.22 27.08 31.55
N GLN A 49 -21.35 27.80 30.84
CA GLN A 49 -20.98 27.36 29.49
C GLN A 49 -19.48 27.12 29.42
N TYR A 50 -19.04 26.56 28.30
CA TYR A 50 -17.60 26.31 28.10
C TYR A 50 -17.09 27.24 27.02
N LEU A 51 -15.93 27.84 27.27
CA LEU A 51 -15.29 28.72 26.31
C LEU A 51 -14.09 27.99 25.74
N MET A 52 -14.13 27.72 24.44
CA MET A 52 -13.11 26.93 23.77
C MET A 52 -12.55 27.72 22.59
N PRO A 53 -11.41 27.32 22.04
CA PRO A 53 -10.98 27.94 20.78
C PRO A 53 -12.06 27.74 19.72
N GLY A 54 -12.23 28.75 18.86
CA GLY A 54 -13.08 28.55 17.71
C GLY A 54 -12.57 27.39 16.86
N GLY A 55 -13.50 26.72 16.18
CA GLY A 55 -13.11 25.60 15.36
C GLY A 55 -12.33 26.03 14.12
N ILE A 56 -11.37 25.20 13.72
CA ILE A 56 -10.65 25.37 12.46
C ILE A 56 -11.02 24.20 11.55
N ASP A 57 -11.57 24.52 10.40
CA ASP A 57 -11.94 23.52 9.41
C ASP A 57 -10.92 23.53 8.28
N PRO A 58 -9.97 22.60 8.24
CA PRO A 58 -8.91 22.63 7.23
C PRO A 58 -9.27 22.02 5.88
N HIS A 59 -10.55 21.83 5.61
CA HIS A 59 -10.89 21.13 4.37
C HIS A 59 -12.24 21.64 3.90
N THR A 60 -12.21 22.77 3.17
CA THR A 60 -13.43 23.33 2.58
C THR A 60 -13.20 23.61 1.09
N HIS A 61 -14.29 23.72 0.35
CA HIS A 61 -14.25 23.98 -1.10
C HIS A 61 -15.31 25.01 -1.51
N MET A 62 -15.26 26.21 -0.91
CA MET A 62 -16.26 27.24 -1.22
C MET A 62 -16.25 27.56 -2.71
N GLN A 63 -17.45 27.70 -3.27
CA GLN A 63 -17.69 27.96 -4.70
C GLN A 63 -16.63 27.32 -5.60
N LEU A 64 -16.27 26.07 -5.32
CA LEU A 64 -15.34 25.36 -6.19
C LEU A 64 -16.01 25.08 -7.54
N PRO A 65 -15.35 25.41 -8.67
CA PRO A 65 -15.80 24.88 -9.97
C PRO A 65 -15.32 23.44 -10.10
N PHE A 66 -16.24 22.50 -10.28
CA PHE A 66 -15.89 21.10 -10.13
C PHE A 66 -16.98 20.24 -10.76
N MET A 67 -16.57 19.15 -11.38
CA MET A 67 -17.47 18.18 -12.02
C MET A 67 -18.60 18.90 -12.75
N GLY A 68 -18.19 19.83 -13.62
CA GLY A 68 -19.06 20.50 -14.59
C GLY A 68 -19.75 21.75 -14.11
N THR A 69 -19.49 22.21 -12.89
CA THR A 69 -20.33 23.24 -12.28
C THR A 69 -19.55 23.92 -11.15
N VAL A 70 -20.27 24.69 -10.33
CA VAL A 70 -19.73 25.52 -9.26
C VAL A 70 -20.54 25.28 -7.98
N ALA A 71 -19.84 24.99 -6.89
CA ALA A 71 -20.52 24.67 -5.64
C ALA A 71 -21.48 25.79 -5.23
N SER A 72 -22.63 25.40 -4.68
CA SER A 72 -23.70 26.35 -4.37
C SER A 72 -23.35 27.27 -3.21
N GLU A 73 -22.42 26.87 -2.35
CA GLU A 73 -21.94 27.70 -1.26
C GLU A 73 -20.76 28.54 -1.74
N ASP A 74 -20.79 29.85 -1.44
CA ASP A 74 -19.63 30.69 -1.80
C ASP A 74 -18.85 31.06 -0.53
N PHE A 75 -17.78 31.84 -0.70
CA PHE A 75 -16.87 32.04 0.44
C PHE A 75 -17.53 32.84 1.55
N PHE A 76 -18.47 33.73 1.21
CA PHE A 76 -19.19 34.43 2.27
C PHE A 76 -20.21 33.52 2.96
N SER A 77 -21.07 32.87 2.18
CA SER A 77 -22.12 32.07 2.82
C SER A 77 -21.51 30.91 3.60
N GLY A 78 -20.40 30.36 3.11
CA GLY A 78 -19.77 29.23 3.78
C GLY A 78 -19.10 29.60 5.08
N THR A 79 -18.31 30.69 5.09
CA THR A 79 -17.65 31.09 6.34
C THR A 79 -18.66 31.63 7.34
N ALA A 80 -19.71 32.32 6.87
CA ALA A 80 -20.79 32.73 7.77
C ALA A 80 -21.45 31.53 8.40
N ALA A 81 -21.83 30.54 7.57
CA ALA A 81 -22.40 29.31 8.11
C ALA A 81 -21.46 28.65 9.11
N GLY A 82 -20.15 28.65 8.82
CA GLY A 82 -19.21 28.11 9.79
C GLY A 82 -19.29 28.80 11.15
N LEU A 83 -19.42 30.14 11.13
CA LEU A 83 -19.49 30.91 12.36
C LEU A 83 -20.71 30.52 13.18
N ALA A 84 -21.86 30.39 12.53
CA ALA A 84 -23.04 29.92 13.26
C ALA A 84 -22.76 28.60 13.98
N GLY A 85 -21.91 27.76 13.40
CA GLY A 85 -21.57 26.47 13.95
C GLY A 85 -20.38 26.44 14.88
N GLY A 86 -19.82 27.60 15.24
CA GLY A 86 -18.66 27.62 16.09
C GLY A 86 -17.32 27.56 15.40
N THR A 87 -17.30 27.49 14.07
CA THR A 87 -16.06 27.38 13.31
C THR A 87 -15.64 28.78 12.85
N THR A 88 -14.44 29.21 13.26
CA THR A 88 -13.99 30.57 13.08
C THR A 88 -12.94 30.75 11.98
N SER A 89 -12.34 29.68 11.47
CA SER A 89 -11.38 29.84 10.38
C SER A 89 -11.39 28.56 9.54
N ILE A 90 -11.10 28.73 8.25
CA ILE A 90 -11.08 27.63 7.29
C ILE A 90 -9.71 27.56 6.61
N ILE A 91 -9.40 26.40 6.06
CA ILE A 91 -8.38 26.28 5.02
C ILE A 91 -9.04 25.62 3.83
N ASP A 92 -9.07 26.33 2.71
CA ASP A 92 -9.68 25.93 1.46
C ASP A 92 -8.56 25.47 0.52
N PHE A 93 -8.90 25.22 -0.76
CA PHE A 93 -7.96 24.67 -1.73
C PHE A 93 -7.96 25.50 -3.00
N VAL A 94 -6.78 26.01 -3.38
CA VAL A 94 -6.56 26.47 -4.75
C VAL A 94 -6.37 25.22 -5.60
N ILE A 95 -7.23 25.03 -6.59
CA ILE A 95 -7.09 23.84 -7.44
C ILE A 95 -6.87 24.28 -8.88
N PRO A 96 -5.62 24.50 -9.29
CA PRO A 96 -5.35 24.82 -10.70
C PRO A 96 -5.74 23.66 -11.60
N ASN A 97 -6.27 23.99 -12.78
CA ASN A 97 -6.43 22.99 -13.83
C ASN A 97 -5.06 22.51 -14.31
N PRO A 98 -4.99 21.33 -14.92
CA PRO A 98 -3.70 20.87 -15.48
C PRO A 98 -3.18 21.87 -16.51
N ARG A 99 -1.87 22.13 -16.44
CA ARG A 99 -1.15 23.12 -17.24
C ARG A 99 -1.43 24.58 -16.84
N GLN A 100 -2.36 24.83 -15.92
CA GLN A 100 -2.57 26.20 -15.43
C GLN A 100 -1.54 26.58 -14.36
N SER A 101 -1.02 27.80 -14.47
CA SER A 101 -0.10 28.34 -13.47
C SER A 101 -0.73 28.29 -12.07
N LEU A 102 0.05 27.89 -11.08
CA LEU A 102 -0.46 27.87 -9.71
C LEU A 102 -0.72 29.29 -9.21
N LEU A 103 0.21 30.21 -9.48
CA LEU A 103 0.07 31.61 -9.10
C LEU A 103 -1.19 32.22 -9.69
N GLU A 104 -1.44 31.99 -10.97
CA GLU A 104 -2.67 32.43 -11.60
C GLU A 104 -3.89 31.97 -10.81
N ALA A 105 -3.99 30.65 -10.58
CA ALA A 105 -5.13 30.12 -9.85
C ALA A 105 -5.19 30.72 -8.45
N PHE A 106 -4.04 30.90 -7.79
CA PHE A 106 -4.00 31.44 -6.44
C PHE A 106 -4.65 32.83 -6.38
N HIS A 107 -4.21 33.74 -7.25
CA HIS A 107 -4.79 35.10 -7.24
C HIS A 107 -6.27 35.06 -7.54
N THR A 108 -6.69 34.23 -8.49
CA THR A 108 -8.11 34.06 -8.76
C THR A 108 -8.86 33.65 -7.50
N TRP A 109 -8.34 32.63 -6.79
CA TRP A 109 -8.99 32.18 -5.55
C TRP A 109 -9.01 33.28 -4.50
N ARG A 110 -7.94 34.07 -4.38
CA ARG A 110 -7.96 35.22 -3.47
C ARG A 110 -9.11 36.14 -3.81
N GLY A 111 -9.42 36.28 -5.09
CA GLY A 111 -10.53 37.13 -5.46
C GLY A 111 -11.83 36.53 -4.99
N TRP A 112 -12.01 35.23 -5.26
CA TRP A 112 -13.21 34.51 -4.82
C TRP A 112 -13.37 34.59 -3.29
N ALA A 113 -12.28 34.55 -2.53
CA ALA A 113 -12.35 34.42 -1.07
C ALA A 113 -12.32 35.75 -0.31
N GLN A 114 -12.13 36.88 -1.00
CA GLN A 114 -12.09 38.18 -0.33
C GLN A 114 -13.38 38.42 0.46
N LYS A 115 -14.52 37.97 -0.06
CA LYS A 115 -15.82 38.14 0.57
C LYS A 115 -15.99 37.31 1.85
N SER A 116 -15.02 36.48 2.23
CA SER A 116 -15.17 35.66 3.44
C SER A 116 -15.48 36.52 4.65
N ALA A 117 -16.33 35.98 5.52
CA ALA A 117 -16.73 36.62 6.76
C ALA A 117 -15.81 36.33 7.93
N ALA A 118 -14.90 35.35 7.80
CA ALA A 118 -13.96 35.02 8.87
C ALA A 118 -12.63 34.61 8.24
N ASP A 119 -11.61 34.47 9.08
CA ASP A 119 -10.26 34.19 8.59
C ASP A 119 -10.24 32.93 7.74
N TYR A 120 -9.40 32.95 6.70
CA TYR A 120 -9.32 31.86 5.74
C TYR A 120 -7.88 31.78 5.23
N GLY A 121 -7.55 30.61 4.72
CA GLY A 121 -6.28 30.28 4.17
C GLY A 121 -6.44 29.26 3.06
N PHE A 122 -5.35 28.95 2.42
CA PHE A 122 -5.41 28.00 1.36
C PHE A 122 -4.32 26.96 1.34
N HIS A 123 -4.72 25.79 0.91
CA HIS A 123 -3.85 24.72 0.52
C HIS A 123 -3.82 24.92 -1.04
N VAL A 124 -2.72 24.59 -1.69
CA VAL A 124 -2.61 24.66 -3.15
C VAL A 124 -2.43 23.25 -3.71
N ALA A 125 -3.28 22.87 -4.66
CA ALA A 125 -3.24 21.51 -5.18
C ALA A 125 -2.25 21.40 -6.35
N ILE A 126 -1.51 20.29 -6.37
CA ILE A 126 -0.52 20.02 -7.41
C ILE A 126 -1.18 19.07 -8.40
N THR A 127 -1.79 19.66 -9.44
CA THR A 127 -2.59 18.91 -10.41
C THR A 127 -1.83 18.60 -11.70
N TRP A 128 -0.54 18.91 -11.76
CA TRP A 128 0.33 18.63 -12.90
C TRP A 128 1.72 19.00 -12.43
N TRP A 129 2.72 18.68 -13.25
CA TRP A 129 4.10 18.91 -12.85
C TRP A 129 4.90 19.48 -14.00
N SER A 130 5.90 20.29 -13.66
CA SER A 130 6.83 20.89 -14.60
C SER A 130 7.79 21.72 -13.76
N ASP A 131 8.84 22.25 -14.38
CA ASP A 131 9.75 23.13 -13.64
C ASP A 131 9.05 24.40 -13.19
N GLU A 132 8.12 24.93 -13.98
CA GLU A 132 7.35 26.09 -13.57
C GLU A 132 6.56 25.80 -12.29
N VAL A 133 5.85 24.66 -12.26
CA VAL A 133 5.13 24.27 -11.04
C VAL A 133 6.07 24.28 -9.83
N ALA A 134 7.24 23.67 -9.96
CA ALA A 134 8.17 23.63 -8.84
C ALA A 134 8.61 25.03 -8.44
N ARG A 135 8.81 25.91 -9.42
CA ARG A 135 9.20 27.27 -9.10
C ARG A 135 8.06 28.01 -8.40
N GLU A 136 6.83 27.80 -8.88
CA GLU A 136 5.70 28.53 -8.32
C GLU A 136 5.38 28.06 -6.91
N MET A 137 5.61 26.78 -6.61
CA MET A 137 5.48 26.30 -5.24
C MET A 137 6.39 27.08 -4.31
N GLY A 138 7.65 27.25 -4.70
CA GLY A 138 8.54 28.05 -3.88
C GLY A 138 8.05 29.48 -3.69
N GLU A 139 7.54 30.09 -4.74
CA GLU A 139 7.02 31.43 -4.65
C GLU A 139 5.76 31.53 -3.76
N LEU A 140 4.90 30.54 -3.86
CA LEU A 140 3.71 30.52 -2.99
C LEU A 140 4.11 30.45 -1.53
N VAL A 141 5.12 29.64 -1.19
CA VAL A 141 5.56 29.54 0.20
C VAL A 141 6.23 30.84 0.63
N ALA A 142 7.13 31.36 -0.19
CA ALA A 142 7.95 32.51 0.22
C ALA A 142 7.14 33.80 0.28
N GLN A 143 6.21 33.99 -0.66
CA GLN A 143 5.52 35.27 -0.84
C GLN A 143 4.05 35.25 -0.48
N HIS A 144 3.42 34.07 -0.37
CA HIS A 144 1.96 34.05 -0.30
C HIS A 144 1.43 33.28 0.91
N GLY A 145 2.28 32.97 1.88
CA GLY A 145 1.78 32.36 3.11
C GLY A 145 1.22 30.96 2.96
N VAL A 146 1.52 30.25 1.86
CA VAL A 146 1.12 28.85 1.74
C VAL A 146 2.21 27.94 2.32
N ASN A 147 1.81 26.91 3.06
CA ASN A 147 2.81 25.96 3.56
C ASN A 147 2.36 24.51 3.42
N SER A 148 1.34 24.25 2.62
CA SER A 148 0.83 22.90 2.44
C SER A 148 0.35 22.76 1.02
N PHE A 149 0.65 21.62 0.41
CA PHE A 149 0.28 21.34 -0.95
C PHE A 149 -0.51 20.03 -1.06
N HIS A 151 -2.49 16.84 -2.96
CA HIS A 151 -2.35 15.94 -4.11
C HIS A 151 -3.54 14.97 -4.23
N PHE A 152 -4.10 14.87 -5.41
CA PHE A 152 -5.24 14.00 -5.63
C PHE A 152 -4.75 12.72 -6.27
N MET A 153 -5.01 11.59 -5.63
CA MET A 153 -4.58 10.33 -6.19
C MET A 153 -5.65 9.67 -7.03
N ALA A 154 -6.90 10.14 -6.94
CA ALA A 154 -7.95 9.75 -7.85
C ALA A 154 -8.15 10.86 -8.89
N TYR A 155 -9.29 10.83 -9.58
CA TYR A 155 -9.60 11.71 -10.71
C TYR A 155 -8.65 11.45 -11.88
N LYS A 156 -8.68 10.21 -12.37
CA LYS A 156 -7.94 9.88 -13.57
C LYS A 156 -8.43 10.72 -14.75
N ASN A 157 -7.51 11.07 -15.64
CA ASN A 157 -7.80 11.95 -16.79
C ASN A 157 -8.43 13.25 -16.31
N ALA A 158 -7.91 13.77 -15.21
CA ALA A 158 -8.24 15.10 -14.69
C ALA A 158 -7.09 15.53 -13.78
N ILE A 159 -7.39 15.78 -12.50
CA ILE A 159 -6.39 16.38 -11.60
C ILE A 159 -5.54 15.33 -10.89
N MET A 160 -5.43 14.12 -11.45
CA MET A 160 -4.75 13.03 -10.76
C MET A 160 -3.23 13.18 -10.81
N ALA A 161 -2.58 12.94 -9.67
CA ALA A 161 -1.13 12.88 -9.62
C ALA A 161 -0.69 11.42 -9.55
N ALA A 162 0.11 10.99 -10.52
CA ALA A 162 0.72 9.67 -10.48
C ALA A 162 2.02 9.72 -9.68
N ASP A 163 2.61 8.55 -9.47
CA ASP A 163 3.78 8.47 -8.59
C ASP A 163 4.86 9.47 -8.98
N ASP A 164 5.05 9.72 -10.29
CA ASP A 164 6.17 10.58 -10.67
C ASP A 164 5.95 12.00 -10.18
N THR A 165 4.72 12.49 -10.25
CA THR A 165 4.37 13.79 -9.68
C THR A 165 4.41 13.75 -8.15
N LEU A 166 3.83 12.71 -7.54
CA LEU A 166 3.88 12.61 -6.08
C LEU A 166 5.32 12.72 -5.59
N VAL A 167 6.22 11.97 -6.22
CA VAL A 167 7.61 11.96 -5.76
C VAL A 167 8.26 13.33 -5.97
N ALA A 168 8.05 13.93 -7.14
CA ALA A 168 8.68 15.20 -7.43
C ALA A 168 8.13 16.29 -6.50
N SER A 169 6.82 16.30 -6.31
CA SER A 169 6.20 17.32 -5.46
C SER A 169 6.59 17.14 -4.00
N PHE A 170 6.53 15.91 -3.48
CA PHE A 170 6.92 15.69 -2.08
C PHE A 170 8.35 16.16 -1.87
N GLU A 171 9.23 15.86 -2.81
CA GLU A 171 10.61 16.34 -2.68
C GLU A 171 10.64 17.87 -2.63
N ARG A 172 9.90 18.53 -3.51
CA ARG A 172 9.80 19.99 -3.45
C ARG A 172 9.27 20.43 -2.09
N CYS A 173 8.19 19.79 -1.61
CA CYS A 173 7.68 20.06 -0.27
C CYS A 173 8.76 20.00 0.78
N LEU A 174 9.61 18.97 0.74
CA LEU A 174 10.68 18.88 1.72
C LEU A 174 11.63 20.07 1.62
N GLU A 175 11.94 20.48 0.38
CA GLU A 175 12.87 21.59 0.16
C GLU A 175 12.34 22.89 0.73
N LEU A 176 11.02 23.11 0.67
CA LEU A 176 10.37 24.33 1.10
C LEU A 176 9.90 24.31 2.54
N GLY A 177 10.01 23.19 3.25
CA GLY A 177 9.42 23.09 4.57
C GLY A 177 7.90 23.08 4.56
N ALA A 178 7.31 22.48 3.54
CA ALA A 178 5.86 22.46 3.35
C ALA A 178 5.30 21.07 3.64
N VAL A 179 4.01 21.01 4.01
CA VAL A 179 3.37 19.78 4.39
C VAL A 179 2.65 19.21 3.13
N PRO A 180 3.06 18.07 2.63
CA PRO A 180 2.24 17.40 1.60
C PRO A 180 0.96 16.86 2.22
N THR A 181 -0.15 17.06 1.53
CA THR A 181 -1.41 16.45 1.93
C THR A 181 -1.99 15.69 0.74
N VAL A 182 -2.79 14.66 1.01
CA VAL A 182 -3.18 13.72 -0.05
C VAL A 182 -4.65 13.32 0.09
N HIS A 183 -5.37 13.32 -1.04
CA HIS A 183 -6.65 12.63 -1.17
C HIS A 183 -6.34 11.22 -1.67
N ALA A 184 -6.46 10.23 -0.78
CA ALA A 184 -5.89 8.91 -1.00
C ALA A 184 -6.99 7.97 -1.49
N GLU A 185 -7.07 7.85 -2.82
CA GLU A 185 -7.83 6.79 -3.48
C GLU A 185 -7.06 6.40 -4.73
N ASN A 186 -6.99 5.10 -5.02
CA ASN A 186 -6.29 4.66 -6.24
C ASN A 186 -7.15 4.99 -7.44
N GLY A 187 -6.71 5.96 -8.26
CA GLY A 187 -7.55 6.42 -9.36
C GLY A 187 -7.74 5.40 -10.46
N GLU A 188 -6.73 4.58 -10.72
CA GLU A 188 -6.86 3.57 -11.75
C GLU A 188 -7.97 2.58 -11.40
N LEU A 189 -8.02 2.13 -10.13
CA LEU A 189 -9.08 1.22 -9.71
C LEU A 189 -10.45 1.89 -9.72
N VAL A 190 -10.53 3.13 -9.22
CA VAL A 190 -11.79 3.87 -9.30
C VAL A 190 -12.27 3.92 -10.74
N PHE A 191 -11.42 4.40 -11.65
CA PHE A 191 -11.82 4.54 -13.04
C PHE A 191 -12.24 3.20 -13.63
N HIS A 192 -11.49 2.13 -13.33
CA HIS A 192 -11.81 0.82 -13.87
C HIS A 192 -13.16 0.32 -13.34
N LEU A 193 -13.39 0.48 -12.04
CA LEU A 193 -14.66 0.03 -11.47
C LEU A 193 -15.83 0.87 -11.97
N GLN A 194 -15.62 2.18 -12.15
CA GLN A 194 -16.69 3.05 -12.63
C GLN A 194 -17.19 2.60 -14.01
N GLN A 195 -16.28 2.34 -14.94
CA GLN A 195 -16.67 1.88 -16.27
C GLN A 195 -17.31 0.50 -16.20
N LYS A 196 -16.72 -0.41 -15.43
CA LYS A 196 -17.31 -1.74 -15.29
C LYS A 196 -18.76 -1.64 -14.85
N LEU A 197 -19.03 -0.86 -13.80
CA LEU A 197 -20.39 -0.79 -13.27
C LEU A 197 -21.34 -0.13 -14.26
N LEU A 198 -20.89 0.92 -14.94
CA LEU A 198 -21.72 1.56 -15.95
C LEU A 198 -22.03 0.59 -17.09
N ALA A 199 -21.02 -0.19 -17.51
CA ALA A 199 -21.25 -1.13 -18.60
C ALA A 199 -22.30 -2.17 -18.22
N GLN A 200 -22.49 -2.43 -16.94
CA GLN A 200 -23.49 -3.38 -16.48
C GLN A 200 -24.84 -2.71 -16.21
N GLY A 201 -24.99 -1.45 -16.56
CA GLY A 201 -26.26 -0.77 -16.37
C GLY A 201 -26.52 -0.27 -14.97
N LEU A 202 -25.55 -0.41 -14.05
CA LEU A 202 -25.68 0.12 -12.69
C LEU A 202 -25.29 1.60 -12.72
N THR A 203 -26.29 2.45 -12.94
CA THR A 203 -26.06 3.86 -13.14
C THR A 203 -26.45 4.71 -11.94
N GLY A 204 -27.16 4.14 -10.97
CA GLY A 204 -27.70 4.91 -9.88
C GLY A 204 -26.66 5.20 -8.81
N PRO A 205 -27.05 6.01 -7.84
CA PRO A 205 -26.10 6.38 -6.78
C PRO A 205 -25.62 5.19 -5.98
N GLU A 206 -26.38 4.10 -5.94
CA GLU A 206 -25.93 2.93 -5.19
C GLU A 206 -24.64 2.37 -5.77
N ALA A 207 -24.33 2.66 -7.03
CA ALA A 207 -23.07 2.20 -7.59
C ALA A 207 -21.87 3.02 -7.12
N HIS A 208 -22.11 4.25 -6.62
CA HIS A 208 -20.99 5.09 -6.20
C HIS A 208 -20.10 4.40 -5.18
N PRO A 209 -20.62 3.92 -4.03
CA PRO A 209 -19.74 3.21 -3.09
C PRO A 209 -19.08 1.98 -3.69
N LEU A 210 -19.80 1.21 -4.52
CA LEU A 210 -19.21 0.02 -5.14
C LEU A 210 -18.06 0.36 -6.08
N SER A 211 -18.04 1.58 -6.62
CA SER A 211 -16.99 1.98 -7.53
C SER A 211 -15.70 2.35 -6.82
N ARG A 212 -15.69 2.49 -5.49
CA ARG A 212 -14.47 2.86 -4.75
C ARG A 212 -14.50 2.21 -3.37
N PRO A 213 -14.38 0.89 -3.32
CA PRO A 213 -14.47 0.19 -2.02
C PRO A 213 -13.28 0.53 -1.14
N PRO A 214 -13.37 0.21 0.15
CA PRO A 214 -12.39 0.72 1.13
C PRO A 214 -10.93 0.46 0.80
N GLN A 215 -10.60 -0.69 0.21
CA GLN A 215 -9.21 -1.01 -0.07
C GLN A 215 -8.61 -0.11 -1.14
N VAL A 216 -9.45 0.52 -1.94
CA VAL A 216 -8.94 1.49 -2.91
C VAL A 216 -8.32 2.67 -2.17
N GLU A 217 -8.89 3.01 -1.00
CA GLU A 217 -8.38 4.09 -0.15
C GLU A 217 -7.19 3.62 0.67
N GLY A 218 -7.25 2.39 1.20
CA GLY A 218 -6.11 1.86 1.92
C GLY A 218 -4.87 1.76 1.05
N GLU A 219 -5.04 1.32 -0.20
CA GLU A 219 -3.90 1.27 -1.11
C GLU A 219 -3.24 2.63 -1.24
N ALA A 220 -4.02 3.65 -1.59
CA ALA A 220 -3.46 4.98 -1.84
C ALA A 220 -2.83 5.56 -0.58
N ALA A 221 -3.42 5.32 0.59
CA ALA A 221 -2.81 5.73 1.86
C ALA A 221 -1.47 5.05 2.04
N SER A 222 -1.44 3.73 1.86
CA SER A 222 -0.17 3.00 1.86
C SER A 222 0.87 3.68 0.99
N ARG A 223 0.51 4.00 -0.25
CA ARG A 223 1.49 4.51 -1.21
C ARG A 223 1.95 5.92 -0.85
N ALA A 224 1.01 6.83 -0.59
CA ALA A 224 1.40 8.17 -0.13
C ALA A 224 2.30 8.10 1.10
N ILE A 225 1.88 7.30 2.10
CA ILE A 225 2.65 7.16 3.32
C ILE A 225 4.07 6.69 3.02
N ARG A 226 4.20 5.72 2.12
CA ARG A 226 5.51 5.13 1.87
C ARG A 226 6.38 6.03 0.99
N ILE A 227 5.80 6.80 0.08
CA ILE A 227 6.55 7.83 -0.62
C ILE A 227 7.08 8.84 0.38
N ALA A 228 6.19 9.35 1.24
CA ALA A 228 6.58 10.28 2.31
C ALA A 228 7.74 9.73 3.13
N GLU A 229 7.65 8.47 3.56
CA GLU A 229 8.74 7.88 4.34
C GLU A 229 10.04 7.88 3.57
N THR A 230 9.97 7.51 2.29
CA THR A 230 11.16 7.41 1.46
C THR A 230 11.79 8.77 1.24
N LEU A 231 10.97 9.81 1.04
CA LEU A 231 11.51 11.13 0.78
C LEU A 231 11.82 11.91 2.05
N GLY A 232 11.42 11.42 3.23
CA GLY A 232 11.67 12.13 4.47
C GLY A 232 10.77 13.32 4.76
N THR A 233 9.51 13.27 4.36
CA THR A 233 8.56 14.33 4.66
C THR A 233 7.50 13.85 5.64
N PRO A 234 6.84 14.79 6.34
CA PRO A 234 5.58 14.45 6.99
C PRO A 234 4.52 14.26 5.93
N LEU A 235 3.33 13.85 6.38
CA LEU A 235 2.25 13.61 5.44
C LEU A 235 0.93 13.79 6.17
N TYR A 236 -0.03 14.41 5.50
CA TYR A 236 -1.36 14.64 6.03
C TYR A 236 -2.38 14.05 5.06
N LEU A 237 -3.18 13.09 5.53
CA LEU A 237 -4.16 12.47 4.66
C LEU A 237 -5.54 13.03 4.98
N VAL A 238 -6.21 13.55 3.97
CA VAL A 238 -7.51 14.16 4.17
C VAL A 238 -8.59 13.08 4.24
N HIS A 239 -9.75 13.47 4.79
CA HIS A 239 -10.93 12.63 5.04
C HIS A 239 -10.66 11.14 4.89
N ILE A 240 -10.09 10.55 5.92
CA ILE A 240 -9.97 9.11 6.06
C ILE A 240 -11.34 8.54 6.40
N SER A 241 -11.77 7.53 5.64
CA SER A 241 -13.06 6.90 5.87
C SER A 241 -12.98 5.42 6.23
N SER A 242 -11.83 4.78 6.07
CA SER A 242 -11.78 3.32 6.06
C SER A 242 -10.84 2.81 7.15
N ARG A 243 -11.19 1.64 7.67
CA ARG A 243 -10.29 0.91 8.55
C ARG A 243 -8.95 0.68 7.86
N GLU A 244 -8.99 0.28 6.58
CA GLU A 244 -7.76 -0.02 5.84
C GLU A 244 -6.82 1.18 5.85
N ALA A 245 -7.34 2.36 5.54
CA ALA A 245 -6.51 3.57 5.55
C ALA A 245 -6.04 3.87 6.97
N LEU A 246 -6.97 3.86 7.94
CA LEU A 246 -6.58 4.12 9.32
C LEU A 246 -5.47 3.16 9.75
N ASP A 247 -5.59 1.87 9.39
CA ASP A 247 -4.56 0.90 9.76
C ASP A 247 -3.20 1.25 9.14
N GLU A 248 -3.20 1.77 7.90
CA GLU A 248 -1.93 2.18 7.30
C GLU A 248 -1.30 3.34 8.08
N ILE A 249 -2.13 4.29 8.55
CA ILE A 249 -1.60 5.41 9.33
C ILE A 249 -1.05 4.91 10.66
N ALA A 250 -1.87 4.12 11.40
CA ALA A 250 -1.38 3.55 12.65
C ALA A 250 -0.07 2.79 12.44
N TYR A 251 0.01 2.04 11.35
CA TYR A 251 1.24 1.29 11.07
C TYR A 251 2.43 2.22 10.82
N ALA A 252 2.25 3.30 10.08
CA ALA A 252 3.39 4.19 9.88
C ALA A 252 3.68 4.96 11.15
N ARG A 253 2.67 5.35 11.90
CA ARG A 253 2.89 6.06 13.15
C ARG A 253 3.66 5.19 14.16
N ALA A 254 3.41 3.89 14.12
CA ALA A 254 4.12 2.95 14.96
C ALA A 254 5.57 2.75 14.58
N LYS A 255 5.97 3.09 13.38
CA LYS A 255 7.35 2.97 12.94
C LYS A 255 7.99 4.29 13.26
N GLY A 256 7.22 5.18 13.85
CA GLY A 256 7.78 6.45 14.24
C GLY A 256 7.68 7.55 13.22
N GLN A 257 6.72 7.48 12.30
CA GLN A 257 6.69 8.36 11.15
C GLN A 257 5.62 9.43 11.33
N PRO A 258 5.93 10.70 10.97
CA PRO A 258 4.94 11.79 11.12
C PRO A 258 3.85 11.77 10.07
N VAL A 259 2.79 11.03 10.38
CA VAL A 259 1.63 10.92 9.51
C VAL A 259 0.41 11.35 10.30
N TYR A 260 -0.39 12.24 9.71
CA TYR A 260 -1.58 12.79 10.33
C TYR A 260 -2.80 12.37 9.52
N GLY A 261 -3.91 12.17 10.21
CA GLY A 261 -5.15 11.77 9.56
C GLY A 261 -6.28 12.74 9.88
N GLU A 262 -7.08 13.04 8.88
CA GLU A 262 -8.24 13.89 8.98
C GLU A 262 -9.52 13.06 8.79
N VAL A 263 -10.59 13.40 9.52
CA VAL A 263 -11.83 12.64 9.44
C VAL A 263 -13.02 13.61 9.45
N LEU A 264 -14.06 13.27 8.67
CA LEU A 264 -15.29 14.05 8.59
C LEU A 264 -16.36 13.42 9.47
N ALA A 265 -17.24 14.26 10.03
CA ALA A 265 -18.31 13.73 10.87
C ALA A 265 -19.17 12.73 10.08
N GLY A 266 -19.39 12.99 8.80
CA GLY A 266 -20.13 12.03 7.97
C GLY A 266 -19.56 10.62 8.04
N HIS A 267 -18.23 10.48 7.94
CA HIS A 267 -17.63 9.15 7.96
C HIS A 267 -17.56 8.58 9.37
N LEU A 268 -17.73 9.39 10.41
CA LEU A 268 -17.85 8.82 11.75
C LEU A 268 -19.26 8.35 12.07
N LEU A 269 -20.29 8.87 11.41
CA LEU A 269 -21.65 8.63 11.88
C LEU A 269 -22.58 8.02 10.83
N LEU A 270 -22.20 7.99 9.56
CA LEU A 270 -23.06 7.50 8.49
C LEU A 270 -22.46 6.24 7.89
N ASP A 271 -23.32 5.36 7.39
CA ASP A 271 -22.90 4.13 6.73
C ASP A 271 -23.46 4.12 5.31
N ASP A 272 -22.98 3.17 4.52
CA ASP A 272 -23.25 3.20 3.09
C ASP A 272 -24.67 2.80 2.73
N SER A 273 -25.51 2.46 3.71
CA SER A 273 -26.91 2.21 3.39
C SER A 273 -27.60 3.46 2.85
N VAL A 274 -26.99 4.65 3.03
CA VAL A 274 -27.63 5.89 2.57
C VAL A 274 -27.75 5.94 1.05
N TYR A 275 -26.86 5.23 0.35
CA TYR A 275 -26.85 5.29 -1.11
C TYR A 275 -27.93 4.42 -1.74
N ARG A 276 -28.64 3.61 -0.94
CA ARG A 276 -29.71 2.74 -1.42
C ARG A 276 -31.09 3.32 -1.14
N HIS A 277 -31.18 4.59 -0.80
CA HIS A 277 -32.48 5.19 -0.54
C HIS A 277 -33.33 5.16 -1.81
N PRO A 278 -34.62 4.82 -1.70
CA PRO A 278 -35.44 4.70 -2.93
C PRO A 278 -35.61 6.01 -3.69
N ASP A 279 -35.38 7.16 -3.06
CA ASP A 279 -35.49 8.44 -3.74
C ASP A 279 -34.12 8.83 -4.32
N TRP A 280 -34.07 9.07 -5.63
CA TRP A 280 -32.79 9.32 -6.29
C TRP A 280 -32.09 10.55 -5.71
N ALA A 281 -32.82 11.65 -5.57
CA ALA A 281 -32.22 12.88 -5.06
C ALA A 281 -31.63 12.67 -3.67
N THR A 282 -32.33 11.92 -2.81
CA THR A 282 -31.82 11.69 -1.46
C THR A 282 -30.54 10.88 -1.48
N ALA A 283 -30.52 9.77 -2.23
CA ALA A 283 -29.30 8.99 -2.35
C ALA A 283 -28.16 9.80 -2.96
N ALA A 284 -28.47 10.63 -3.96
CA ALA A 284 -27.44 11.45 -4.60
C ALA A 284 -26.82 12.46 -3.63
N GLY A 285 -27.60 12.92 -2.63
CA GLY A 285 -27.11 13.92 -1.70
C GLY A 285 -25.93 13.47 -0.88
N TYR A 286 -25.76 12.16 -0.71
CA TYR A 286 -24.67 11.60 0.06
C TYR A 286 -23.44 11.32 -0.77
N VAL A 287 -23.50 11.56 -2.08
CA VAL A 287 -22.42 11.14 -2.97
C VAL A 287 -21.24 12.08 -2.77
N MET A 288 -20.15 11.54 -2.23
CA MET A 288 -18.88 12.24 -2.11
C MET A 288 -17.80 11.17 -2.13
N SER A 289 -16.55 11.61 -2.25
CA SER A 289 -15.44 10.66 -2.27
C SER A 289 -14.40 11.08 -1.25
N PRO A 290 -13.98 10.18 -0.35
CA PRO A 290 -14.45 8.79 -0.27
C PRO A 290 -15.91 8.68 0.16
N PRO A 291 -16.60 7.64 -0.29
CA PRO A 291 -18.01 7.46 0.09
C PRO A 291 -18.14 6.99 1.53
N PHE A 292 -19.38 7.08 2.03
CA PHE A 292 -19.69 6.52 3.33
C PHE A 292 -19.66 5.00 3.23
N ARG A 293 -19.33 4.37 4.37
CA ARG A 293 -18.83 3.00 4.42
C ARG A 293 -19.72 2.11 5.28
N PRO A 294 -19.55 0.78 5.18
CA PRO A 294 -20.21 -0.12 6.14
C PRO A 294 -19.83 0.23 7.57
N VAL A 295 -20.72 -0.15 8.50
CA VAL A 295 -20.71 0.42 9.85
C VAL A 295 -19.43 0.09 10.59
N GLU A 296 -18.76 -1.00 10.23
CA GLU A 296 -17.55 -1.35 10.97
C GLU A 296 -16.44 -0.33 10.76
N HIS A 297 -16.49 0.45 9.68
CA HIS A 297 -15.47 1.47 9.51
C HIS A 297 -15.70 2.66 10.44
N GLN A 298 -16.96 2.98 10.74
CA GLN A 298 -17.23 4.04 11.70
C GLN A 298 -16.60 3.72 13.05
N GLU A 299 -16.71 2.48 13.49
CA GLU A 299 -16.17 2.05 14.74
C GLU A 299 -14.67 2.19 14.72
N ALA A 300 -14.02 1.78 13.65
CA ALA A 300 -12.57 1.90 13.54
C ALA A 300 -12.13 3.35 13.59
N LEU A 301 -12.87 4.25 12.95
CA LEU A 301 -12.49 5.65 12.94
C LEU A 301 -12.59 6.27 14.34
N TRP A 302 -13.70 6.02 15.05
CA TRP A 302 -13.84 6.55 16.41
C TRP A 302 -12.65 6.12 17.24
N ARG A 303 -12.21 4.90 16.99
CA ARG A 303 -11.06 4.31 17.64
C ARG A 303 -9.77 4.99 17.23
N GLY A 304 -9.63 5.35 15.98
CA GLY A 304 -8.48 6.16 15.62
C GLY A 304 -8.45 7.48 16.40
N LEU A 305 -9.59 8.14 16.51
CA LEU A 305 -9.67 9.37 17.30
C LEU A 305 -9.18 9.12 18.72
N GLN A 306 -9.64 8.03 19.33
CA GLN A 306 -9.36 7.79 20.75
C GLN A 306 -7.93 7.34 20.95
N SER A 307 -7.33 6.67 19.96
CA SER A 307 -5.97 6.19 20.12
C SER A 307 -4.91 7.20 19.69
N GLY A 308 -5.29 8.29 19.03
CA GLY A 308 -4.30 9.22 18.53
C GLY A 308 -3.75 8.88 17.17
N ASN A 309 -4.50 8.15 16.34
CA ASN A 309 -4.10 7.84 14.97
C ASN A 309 -4.89 8.60 13.93
N LEU A 310 -5.98 9.24 14.33
CA LEU A 310 -6.62 10.34 13.60
C LEU A 310 -6.45 11.61 14.42
N HIS A 311 -6.21 12.75 13.75
CA HIS A 311 -5.72 13.94 14.45
C HIS A 311 -6.59 15.18 14.26
N THR A 312 -7.33 15.28 13.17
CA THR A 312 -8.09 16.50 12.93
C THR A 312 -9.48 16.13 12.43
N THR A 313 -10.41 17.05 12.62
CA THR A 313 -11.71 16.94 11.96
C THR A 313 -11.90 18.06 10.96
N ALA A 314 -12.70 17.78 9.94
CA ALA A 314 -12.96 18.73 8.87
C ALA A 314 -14.30 18.37 8.27
N THR A 315 -14.67 19.05 7.18
CA THR A 315 -15.96 18.76 6.57
C THR A 315 -15.92 18.49 5.08
N ASP A 316 -14.83 18.76 4.38
CA ASP A 316 -14.83 18.65 2.93
C ASP A 316 -16.03 19.41 2.35
N HIS A 317 -16.34 20.58 2.94
CA HIS A 317 -17.52 21.37 2.61
C HIS A 317 -17.58 21.72 1.13
N CYS A 318 -18.47 21.07 0.40
CA CYS A 318 -18.47 21.11 -1.07
C CYS A 318 -19.92 20.92 -1.50
N CYS A 319 -20.65 22.02 -1.61
CA CYS A 319 -22.11 22.00 -1.67
C CYS A 319 -22.64 21.97 -3.10
N PHE A 320 -23.60 21.08 -3.35
CA PHE A 320 -24.32 21.05 -4.62
C PHE A 320 -25.80 20.81 -4.34
N CYS A 321 -26.65 21.68 -4.88
CA CYS A 321 -28.09 21.52 -4.72
C CYS A 321 -28.60 20.39 -5.63
N ALA A 322 -29.89 20.06 -5.46
CA ALA A 322 -30.49 18.93 -6.16
C ALA A 322 -30.33 19.03 -7.68
N GLU A 323 -30.63 20.18 -8.26
CA GLU A 323 -30.50 20.29 -9.70
C GLU A 323 -29.07 20.05 -10.16
N GLN A 324 -28.09 20.41 -9.33
CA GLN A 324 -26.70 20.16 -9.71
C GLN A 324 -26.35 18.69 -9.55
N LYS A 325 -26.73 18.09 -8.41
CA LYS A 325 -26.53 16.66 -8.25
C LYS A 325 -27.16 15.89 -9.41
N ALA A 326 -28.28 16.39 -9.94
CA ALA A 326 -29.04 15.71 -10.98
C ALA A 326 -28.31 15.64 -12.31
N MET A 327 -27.17 16.34 -12.46
CA MET A 327 -26.35 16.16 -13.66
C MET A 327 -25.93 14.70 -13.86
N GLY A 328 -25.95 13.88 -12.81
CA GLY A 328 -25.58 12.49 -12.93
C GLY A 328 -26.75 11.53 -12.80
N ARG A 329 -27.96 12.01 -13.10
CA ARG A 329 -29.15 11.18 -12.92
C ARG A 329 -29.12 9.91 -13.77
N ASP A 330 -28.38 9.89 -14.88
CA ASP A 330 -28.24 8.67 -15.67
C ASP A 330 -26.83 8.09 -15.58
N ASP A 331 -25.98 8.62 -14.70
CA ASP A 331 -24.57 8.23 -14.65
C ASP A 331 -24.02 8.73 -13.33
N PHE A 332 -23.90 7.83 -12.35
CA PHE A 332 -23.44 8.24 -11.02
C PHE A 332 -22.06 8.88 -11.06
N SER A 333 -21.23 8.56 -12.05
CA SER A 333 -19.91 9.16 -12.14
C SER A 333 -19.96 10.64 -12.48
N LYS A 334 -21.11 11.17 -12.88
CA LYS A 334 -21.29 12.57 -13.21
C LYS A 334 -22.02 13.35 -12.12
N ILE A 335 -22.44 12.69 -11.04
CA ILE A 335 -22.97 13.40 -9.88
C ILE A 335 -21.85 14.19 -9.23
N PRO A 336 -21.94 15.52 -9.15
CA PRO A 336 -20.87 16.28 -8.47
C PRO A 336 -20.70 15.81 -7.03
N ASN A 337 -19.47 15.42 -6.70
CA ASN A 337 -19.18 14.82 -5.40
C ASN A 337 -19.01 15.90 -4.32
N GLY A 338 -19.66 15.71 -3.20
CA GLY A 338 -19.49 16.63 -2.08
C GLY A 338 -20.74 16.75 -1.24
N THR A 339 -20.54 17.01 0.04
CA THR A 339 -21.60 17.22 0.99
C THR A 339 -21.27 18.47 1.80
N ALA A 340 -22.29 18.98 2.49
CA ALA A 340 -22.15 20.10 3.39
C ALA A 340 -21.82 19.62 4.79
N GLY A 341 -21.06 20.43 5.53
CA GLY A 341 -20.89 20.20 6.96
C GLY A 341 -20.24 21.28 7.80
N ILE A 342 -19.82 22.42 7.22
CA ILE A 342 -18.99 23.35 7.99
C ILE A 342 -19.72 23.82 9.24
N GLU A 343 -21.02 24.10 9.11
CA GLU A 343 -21.83 24.58 10.22
C GLU A 343 -22.08 23.51 11.27
N ASP A 344 -22.01 22.23 10.89
CA ASP A 344 -22.50 21.17 11.76
C ASP A 344 -21.40 20.40 12.46
N ARG A 345 -20.15 20.51 11.98
CA ARG A 345 -19.09 19.62 12.43
C ARG A 345 -18.96 19.65 13.96
N MET A 346 -18.91 20.85 14.54
CA MET A 346 -18.57 20.89 15.95
C MET A 346 -19.69 20.31 16.81
N ALA A 347 -20.94 20.66 16.54
CA ALA A 347 -22.03 20.11 17.33
C ALA A 347 -22.16 18.59 17.14
N LEU A 348 -21.98 18.11 15.90
CA LEU A 348 -22.02 16.68 15.63
C LEU A 348 -20.98 15.93 16.44
N LEU A 349 -19.74 16.46 16.47
CA LEU A 349 -18.68 15.77 17.19
C LEU A 349 -18.89 15.87 18.69
N TRP A 350 -19.36 17.02 19.17
CA TRP A 350 -19.62 17.17 20.60
C TRP A 350 -20.69 16.18 21.04
N ASP A 351 -21.82 16.19 20.36
CA ASP A 351 -22.97 15.37 20.70
C ASP A 351 -22.61 13.88 20.67
N ALA A 352 -21.90 13.43 19.62
CA ALA A 352 -21.57 12.01 19.49
C ALA A 352 -20.34 11.60 20.29
N GLY A 353 -19.35 12.50 20.40
CA GLY A 353 -18.11 12.12 21.05
C GLY A 353 -18.04 12.48 22.51
N VAL A 354 -18.42 13.71 22.86
CA VAL A 354 -18.32 14.14 24.25
C VAL A 354 -19.46 13.59 25.10
N ASN A 355 -20.71 13.69 24.62
CA ASN A 355 -21.85 13.20 25.41
C ASN A 355 -21.77 11.69 25.67
N SER A 356 -21.27 10.93 24.69
CA SER A 356 -21.11 9.49 24.84
C SER A 356 -19.93 9.10 25.74
N GLY A 357 -19.01 10.01 26.02
CA GLY A 357 -17.80 9.67 26.73
C GLY A 357 -16.72 9.03 25.88
N ARG A 358 -16.94 8.92 24.57
CA ARG A 358 -15.87 8.49 23.67
C ARG A 358 -14.68 9.45 23.73
N LEU A 359 -14.96 10.76 23.76
CA LEU A 359 -13.94 11.80 23.80
C LEU A 359 -14.09 12.68 25.04
N SER A 360 -12.97 13.06 25.65
CA SER A 360 -13.00 14.12 26.63
C SER A 360 -13.25 15.46 25.95
N MET A 361 -13.60 16.47 26.75
CA MET A 361 -13.75 17.82 26.19
C MET A 361 -12.44 18.37 25.66
N HIS A 362 -11.33 17.96 26.28
CA HIS A 362 -10.01 18.36 25.82
C HIS A 362 -9.69 17.74 24.45
N GLU A 363 -10.02 16.47 24.28
CA GLU A 363 -9.83 15.85 22.99
C GLU A 363 -10.69 16.53 21.94
N PHE A 364 -11.91 16.92 22.31
CA PHE A 364 -12.77 17.67 21.40
C PHE A 364 -12.10 18.95 20.91
N VAL A 365 -11.50 19.73 21.82
CA VAL A 365 -10.76 20.93 21.40
C VAL A 365 -9.57 20.56 20.51
N ALA A 366 -8.76 19.58 20.92
CA ALA A 366 -7.64 19.15 20.08
C ALA A 366 -8.10 18.80 18.66
N LEU A 367 -9.20 18.07 18.54
CA LEU A 367 -9.64 17.57 17.25
C LEU A 367 -10.39 18.61 16.42
N THR A 368 -10.88 19.69 17.02
CA THR A 368 -11.61 20.68 16.24
C THR A 368 -10.81 21.94 15.92
N SER A 369 -9.67 22.15 16.58
CA SER A 369 -8.88 23.36 16.33
C SER A 369 -7.39 23.12 16.56
N THR A 370 -6.99 22.67 17.76
CA THR A 370 -5.57 22.79 18.11
C THR A 370 -4.68 21.88 17.27
N ASN A 371 -5.11 20.65 16.98
CA ASN A 371 -4.22 19.77 16.22
C ASN A 371 -4.02 20.32 14.80
N THR A 372 -5.10 20.76 14.15
CA THR A 372 -4.98 21.43 12.87
C THR A 372 -4.02 22.60 12.95
N ALA A 373 -4.15 23.43 14.00
CA ALA A 373 -3.25 24.57 14.14
C ALA A 373 -1.80 24.11 14.23
N LYS A 374 -1.52 23.09 15.03
CA LYS A 374 -0.14 22.69 15.21
C LYS A 374 0.42 22.09 13.93
N ILE A 375 -0.38 21.28 13.24
CA ILE A 375 0.10 20.61 12.04
C ILE A 375 0.46 21.63 10.95
N PHE A 376 -0.39 22.63 10.72
CA PHE A 376 -0.13 23.60 9.67
C PHE A 376 0.56 24.86 10.19
N ASN A 377 1.22 24.76 11.34
CA ASN A 377 2.12 25.81 11.86
C ASN A 377 1.36 27.08 12.22
N LEU A 378 0.14 26.95 12.75
CA LEU A 378 -0.65 28.08 13.21
C LEU A 378 -0.84 28.11 14.73
N PHE A 379 -0.15 27.28 15.45
CA PHE A 379 -0.27 27.28 16.90
C PHE A 379 0.92 28.00 17.50
N PRO A 380 0.73 28.92 18.48
CA PRO A 380 -0.53 29.22 19.16
C PRO A 380 -1.31 30.45 18.67
N ARG A 381 -1.06 30.99 17.47
CA ARG A 381 -1.92 32.05 16.97
C ARG A 381 -3.38 31.63 16.97
N LYS A 382 -3.66 30.38 16.58
CA LYS A 382 -4.99 29.80 16.52
C LYS A 382 -5.04 28.56 17.41
N GLY A 383 -6.26 28.12 17.74
CA GLY A 383 -6.45 26.91 18.51
C GLY A 383 -5.97 26.97 19.94
N ALA A 384 -5.76 28.17 20.48
CA ALA A 384 -5.16 28.35 21.80
C ALA A 384 -5.81 29.54 22.49
N ILE A 385 -6.11 29.37 23.77
CA ILE A 385 -6.64 30.45 24.59
C ILE A 385 -5.46 30.94 25.43
N ARG A 386 -4.82 32.00 24.94
CA ARG A 386 -3.66 32.54 25.63
C ARG A 386 -3.49 33.98 25.19
N VAL A 387 -2.93 34.81 26.09
CA VAL A 387 -2.76 36.22 25.79
C VAL A 387 -1.96 36.36 24.50
N GLY A 388 -2.45 37.17 23.57
CA GLY A 388 -1.80 37.35 22.30
C GLY A 388 -2.28 36.45 21.18
N ALA A 389 -2.95 35.35 21.50
CA ALA A 389 -3.53 34.52 20.44
C ALA A 389 -4.65 35.29 19.76
N ASP A 390 -4.97 34.88 18.55
CA ASP A 390 -6.11 35.47 17.86
C ASP A 390 -7.38 35.18 18.64
N ALA A 391 -8.30 36.14 18.65
CA ALA A 391 -9.50 36.02 19.49
C ALA A 391 -10.61 35.32 18.69
N ASP A 392 -10.36 34.03 18.41
CA ASP A 392 -11.31 33.15 17.75
C ASP A 392 -11.81 32.19 18.83
N LEU A 393 -13.06 32.35 19.25
CA LEU A 393 -13.57 31.62 20.41
C LEU A 393 -14.98 31.16 20.10
N VAL A 394 -15.38 30.08 20.76
CA VAL A 394 -16.75 29.62 20.71
C VAL A 394 -17.20 29.42 22.15
N LEU A 395 -18.38 29.92 22.47
CA LEU A 395 -19.03 29.70 23.77
C LEU A 395 -20.04 28.58 23.60
N TRP A 396 -19.91 27.53 24.42
CA TRP A 396 -20.61 26.27 24.19
C TRP A 396 -21.59 25.99 25.33
N ASP A 397 -22.87 25.86 24.97
CA ASP A 397 -23.90 25.49 25.95
C ASP A 397 -24.08 23.97 25.99
N PRO A 398 -23.56 23.29 27.01
CA PRO A 398 -23.59 21.81 27.02
C PRO A 398 -25.00 21.22 27.11
N GLN A 399 -26.02 21.99 27.47
CA GLN A 399 -27.37 21.46 27.49
C GLN A 399 -28.28 22.15 26.49
N GLY A 400 -27.75 23.03 25.65
CA GLY A 400 -28.51 23.52 24.51
C GLY A 400 -28.84 22.38 23.55
N SER A 401 -29.68 22.70 22.58
CA SER A 401 -30.11 21.65 21.67
C SER A 401 -30.39 22.26 20.31
N ARG A 402 -30.09 21.49 19.26
CA ARG A 402 -30.28 21.94 17.89
C ARG A 402 -30.68 20.76 17.04
N THR A 403 -31.62 20.99 16.13
CA THR A 403 -32.06 19.98 15.17
C THR A 403 -31.53 20.37 13.80
N LEU A 404 -30.67 19.52 13.23
CA LEU A 404 -30.06 19.85 11.95
C LEU A 404 -31.09 19.67 10.85
N SER A 405 -31.15 20.62 9.93
CA SER A 405 -32.16 20.56 8.88
C SER A 405 -31.77 21.47 7.73
N ALA A 406 -31.86 20.93 6.51
CA ALA A 406 -31.63 21.77 5.33
C ALA A 406 -32.59 22.95 5.28
N ALA A 407 -33.76 22.85 5.90
CA ALA A 407 -34.68 23.98 5.90
C ALA A 407 -34.26 25.09 6.85
N THR A 408 -33.40 24.80 7.84
CA THR A 408 -33.03 25.80 8.82
C THR A 408 -31.54 26.11 8.88
N HIS A 409 -30.67 25.36 8.21
CA HIS A 409 -29.26 25.65 8.34
C HIS A 409 -28.90 26.88 7.52
N HIS A 410 -27.74 27.45 7.81
CA HIS A 410 -27.29 28.63 7.07
C HIS A 410 -26.44 28.28 5.86
N GLN A 411 -26.00 27.03 5.76
CA GLN A 411 -25.32 26.53 4.57
C GLN A 411 -26.23 26.69 3.36
N ARG A 412 -25.74 27.40 2.35
CA ARG A 412 -26.54 27.65 1.13
C ARG A 412 -26.53 26.39 0.26
N VAL A 413 -27.31 25.41 0.69
CA VAL A 413 -27.48 24.15 -0.03
C VAL A 413 -28.80 23.54 0.45
N ASP A 414 -29.42 22.74 -0.40
CA ASP A 414 -30.77 22.24 -0.13
C ASP A 414 -30.77 20.85 0.46
N PHE A 415 -29.64 20.38 0.98
CA PHE A 415 -29.54 19.03 1.50
C PHE A 415 -28.62 19.04 2.71
N ASN A 416 -29.02 18.30 3.74
CA ASN A 416 -28.18 18.06 4.90
C ASN A 416 -28.09 16.55 5.13
N ILE A 417 -26.86 16.03 5.20
CA ILE A 417 -26.69 14.58 5.35
C ILE A 417 -27.06 14.10 6.75
N PHE A 418 -27.37 15.01 7.67
CA PHE A 418 -27.88 14.65 8.98
C PHE A 418 -29.27 15.22 9.22
N GLU A 419 -30.03 15.36 8.13
CA GLU A 419 -31.40 15.88 8.20
C GLU A 419 -32.17 15.23 9.34
N GLY A 420 -32.73 16.06 10.22
CA GLY A 420 -33.56 15.60 11.31
C GLY A 420 -32.83 15.12 12.55
N ARG A 421 -31.49 15.12 12.54
CA ARG A 421 -30.76 14.74 13.73
C ARG A 421 -30.81 15.88 14.75
N THR A 422 -31.01 15.52 16.02
CA THR A 422 -30.98 16.48 17.11
C THR A 422 -29.74 16.23 17.96
N VAL A 423 -29.02 17.30 18.27
CA VAL A 423 -27.74 17.21 18.96
C VAL A 423 -27.86 18.01 20.24
N ARG A 424 -27.18 17.55 21.28
CA ARG A 424 -27.18 18.23 22.56
C ARG A 424 -25.78 18.79 22.82
N GLY A 425 -25.72 20.08 23.09
CA GLY A 425 -24.46 20.79 23.19
C GLY A 425 -24.27 21.58 21.92
N ILE A 426 -24.41 22.91 21.99
CA ILE A 426 -24.39 23.75 20.80
C ILE A 426 -23.54 24.98 21.08
N PRO A 427 -23.01 25.61 20.03
CA PRO A 427 -22.39 26.92 20.20
C PRO A 427 -23.45 27.99 20.38
N SER A 428 -23.50 28.59 21.58
CA SER A 428 -24.42 29.69 21.78
C SER A 428 -23.90 30.98 21.20
N HIS A 429 -22.57 31.16 21.20
CA HIS A 429 -21.93 32.36 20.68
C HIS A 429 -20.61 31.99 20.01
N THR A 430 -20.29 32.68 18.92
CA THR A 430 -19.03 32.49 18.23
C THR A 430 -18.33 33.84 18.11
N ILE A 431 -17.07 33.91 18.52
CA ILE A 431 -16.28 35.15 18.47
C ILE A 431 -15.16 34.94 17.45
N SER A 432 -15.07 35.86 16.47
CA SER A 432 -14.06 35.83 15.43
C SER A 432 -13.37 37.19 15.36
N GLN A 433 -12.03 37.21 15.38
CA GLN A 433 -11.28 38.45 15.45
C GLN A 433 -11.73 39.33 16.62
N GLY A 434 -12.09 38.71 17.74
CA GLY A 434 -12.56 39.45 18.89
C GLY A 434 -13.97 40.02 18.78
N LYS A 435 -14.68 39.79 17.69
CA LYS A 435 -16.02 40.31 17.50
C LYS A 435 -17.06 39.20 17.63
N LEU A 436 -18.21 39.55 18.19
CA LEU A 436 -19.32 38.63 18.42
C LEU A 436 -20.08 38.51 17.11
N LEU A 437 -19.91 37.40 16.39
CA LEU A 437 -20.55 37.26 15.08
C LEU A 437 -21.70 36.26 15.08
N TRP A 438 -21.87 35.49 16.16
CA TRP A 438 -23.00 34.58 16.28
C TRP A 438 -23.46 34.65 17.72
N ALA A 439 -24.72 35.02 17.92
CA ALA A 439 -25.25 35.27 19.26
C ALA A 439 -26.64 34.67 19.30
N ALA A 440 -26.73 33.48 19.88
CA ALA A 440 -27.95 32.68 20.01
C ALA A 440 -28.98 32.97 18.93
N GLY A 441 -28.72 32.52 17.69
CA GLY A 441 -29.66 32.61 16.60
C GLY A 441 -29.46 33.79 15.67
N ASP A 442 -28.73 34.82 16.10
CA ASP A 442 -28.44 35.98 15.28
C ASP A 442 -27.05 35.83 14.67
N LEU A 443 -27.01 35.73 13.36
CA LEU A 443 -25.75 35.71 12.61
C LEU A 443 -25.41 37.14 12.16
N ARG A 444 -24.21 37.59 12.51
CA ARG A 444 -23.78 38.95 12.19
C ARG A 444 -22.55 38.96 11.29
N ALA A 445 -22.44 37.97 10.41
CA ALA A 445 -21.31 37.91 9.48
C ALA A 445 -21.44 38.97 8.39
N GLU A 446 -20.30 39.59 8.05
CA GLU A 446 -20.18 40.63 7.04
C GLU A 446 -19.23 40.20 5.93
N PRO A 447 -19.62 40.34 4.66
CA PRO A 447 -18.68 40.02 3.57
C PRO A 447 -17.42 40.85 3.69
N GLY A 448 -16.27 40.21 3.46
CA GLY A 448 -15.00 40.88 3.45
C GLY A 448 -14.36 41.07 4.80
N ALA A 449 -15.03 40.72 5.90
CA ALA A 449 -14.42 40.92 7.21
C ALA A 449 -13.27 39.95 7.48
N GLY A 450 -13.28 38.76 6.89
CA GLY A 450 -12.23 37.80 7.21
C GLY A 450 -10.88 38.23 6.64
N ARG A 451 -9.81 37.78 7.27
CA ARG A 451 -8.45 38.00 6.78
C ARG A 451 -7.89 36.74 6.13
N TYR A 452 -7.12 36.94 5.06
CA TYR A 452 -6.29 35.88 4.53
C TYR A 452 -5.21 35.54 5.55
N VAL A 453 -5.07 34.26 5.90
CA VAL A 453 -4.17 33.83 6.97
C VAL A 453 -2.97 33.13 6.35
N GLU A 454 -1.80 33.70 6.57
CA GLU A 454 -0.54 33.12 6.10
C GLU A 454 -0.05 32.09 7.11
N ARG A 455 0.55 31.01 6.60
CA ARG A 455 1.08 29.95 7.45
C ARG A 455 2.57 29.80 7.20
N PRO A 456 3.43 30.01 8.19
CA PRO A 456 4.87 29.92 7.94
C PRO A 456 5.31 28.49 7.66
N ALA A 457 6.34 28.37 6.81
CA ALA A 457 6.91 27.09 6.49
C ALA A 457 7.70 26.55 7.67
N TYR A 458 8.14 25.31 7.53
CA TYR A 458 8.91 24.56 8.52
C TYR A 458 8.19 24.46 9.86
N PRO A 459 7.02 23.85 9.92
CA PRO A 459 6.51 23.44 11.24
C PRO A 459 7.55 22.57 11.94
N SER A 460 7.39 22.47 13.26
CA SER A 460 8.43 21.92 14.14
C SER A 460 8.89 20.53 13.71
N VAL A 461 7.97 19.69 13.20
CA VAL A 461 8.35 18.34 12.75
C VAL A 461 9.59 18.38 11.84
N TYR A 462 9.77 19.47 11.09
CA TYR A 462 10.88 19.51 10.16
C TYR A 462 12.22 19.61 10.87
N GLU A 463 12.25 20.09 12.11
CA GLU A 463 13.51 20.04 12.86
C GLU A 463 13.89 18.60 13.20
N VAL A 464 12.93 17.79 13.64
CA VAL A 464 13.23 16.39 13.92
C VAL A 464 13.65 15.66 12.64
N LEU A 465 12.92 15.86 11.54
CA LEU A 465 13.27 15.18 10.29
C LEU A 465 14.70 15.53 9.88
N GLY A 466 15.07 16.80 10.03
CA GLY A 466 16.43 17.19 9.69
C GLY A 466 17.47 16.48 10.51
N ARG A 467 17.19 16.25 11.80
CA ARG A 467 18.15 15.54 12.65
C ARG A 467 18.23 14.07 12.27
N ARG A 468 17.10 13.46 11.91
CA ARG A 468 17.14 12.08 11.41
C ARG A 468 17.92 11.99 10.10
N ALA A 469 17.59 12.86 9.13
CA ALA A 469 18.28 12.82 7.84
C ALA A 469 19.79 12.90 8.03
N GLU A 470 20.26 13.79 8.92
CA GLU A 470 21.69 13.92 9.14
C GLU A 470 22.30 12.65 9.70
N ARG A 471 21.56 11.90 10.51
CA ARG A 471 22.06 10.64 11.04
C ARG A 471 22.11 9.53 10.01
N GLN A 472 21.25 9.61 8.98
CA GLN A 472 21.10 8.53 7.99
C GLN A 472 21.71 8.90 6.65
N ARG A 473 22.68 9.81 6.64
CA ARG A 473 23.29 10.20 5.38
C ARG A 473 24.07 9.03 4.80
N PRO A 474 23.80 8.63 3.56
CA PRO A 474 24.59 7.56 2.93
C PRO A 474 26.08 7.84 3.01
N VAL A 475 26.86 6.76 3.15
CA VAL A 475 28.30 6.85 3.34
C VAL A 475 28.95 5.77 2.49
N ALA A 476 29.79 6.18 1.53
CA ALA A 476 30.45 5.24 0.64
C ALA A 476 31.44 4.37 1.39
N VAL A 477 31.84 3.27 0.74
CA VAL A 477 32.88 2.36 1.23
C VAL A 477 34.09 2.55 0.33
N GLU A 478 35.22 2.93 0.92
CA GLU A 478 36.44 3.19 0.16
C GLU A 478 37.15 1.86 -0.14
N ARG A 479 37.55 1.68 -1.39
CA ARG A 479 38.13 0.44 -1.86
C ARG A 479 39.37 0.70 -2.71
N SER B 2 12.70 -49.69 -13.93
CA SER B 2 12.14 -49.69 -12.59
C SER B 2 13.20 -49.37 -11.52
N LEU B 3 12.78 -48.67 -10.46
CA LEU B 3 13.68 -48.24 -9.39
C LEU B 3 12.94 -48.31 -8.07
N LEU B 4 13.51 -49.05 -7.12
CA LEU B 4 12.87 -49.32 -5.85
C LEU B 4 13.72 -48.73 -4.73
N ILE B 5 13.16 -47.76 -4.01
CA ILE B 5 13.82 -47.21 -2.83
C ILE B 5 13.29 -47.96 -1.61
N ARG B 6 14.20 -48.58 -0.86
CA ARG B 6 13.84 -49.53 0.18
C ARG B 6 14.34 -49.06 1.54
N GLY B 7 13.51 -49.24 2.56
CA GLY B 7 13.93 -49.10 3.94
C GLY B 7 13.94 -47.70 4.50
N ALA B 8 13.50 -46.71 3.73
CA ALA B 8 13.55 -45.32 4.17
C ALA B 8 12.30 -44.95 4.94
N THR B 9 12.33 -43.76 5.54
CA THR B 9 11.15 -43.14 6.10
C THR B 9 10.59 -42.14 5.09
N VAL B 10 9.34 -42.36 4.68
CA VAL B 10 8.64 -41.42 3.82
C VAL B 10 8.22 -40.23 4.67
N VAL B 11 8.56 -39.03 4.21
CA VAL B 11 8.20 -37.79 4.88
C VAL B 11 7.42 -36.94 3.89
N THR B 12 6.15 -36.69 4.18
CA THR B 12 5.32 -35.87 3.33
C THR B 12 5.15 -34.47 3.96
N HIS B 13 4.27 -33.66 3.36
CA HIS B 13 3.92 -32.36 3.90
C HIS B 13 3.05 -32.47 5.15
N GLU B 14 2.65 -33.67 5.57
CA GLU B 14 1.81 -33.81 6.74
C GLU B 14 2.10 -35.01 7.61
N GLU B 15 2.91 -35.98 7.19
CA GLU B 15 3.14 -37.15 8.03
C GLU B 15 4.45 -37.82 7.69
N SER B 16 4.87 -38.72 8.58
CA SER B 16 6.04 -39.56 8.37
C SER B 16 5.65 -41.01 8.63
N TYR B 17 6.26 -41.92 7.87
CA TYR B 17 6.04 -43.34 8.09
C TYR B 17 7.09 -44.11 7.29
N ARG B 18 7.41 -45.32 7.77
CA ARG B 18 8.40 -46.17 7.13
C ARG B 18 7.73 -46.97 6.02
N ALA B 19 8.34 -46.97 4.84
CA ALA B 19 7.73 -47.62 3.69
C ALA B 19 8.75 -47.63 2.56
N ASP B 20 8.53 -48.56 1.63
CA ASP B 20 9.31 -48.64 0.41
C ASP B 20 8.52 -48.04 -0.73
N VAL B 21 9.24 -47.60 -1.76
CA VAL B 21 8.61 -46.87 -2.85
C VAL B 21 9.14 -47.40 -4.17
N LEU B 22 8.22 -47.76 -5.07
CA LEU B 22 8.56 -48.31 -6.37
C LEU B 22 8.19 -47.32 -7.47
N CYS B 23 9.16 -47.01 -8.33
CA CYS B 23 8.92 -46.16 -9.50
C CYS B 23 9.16 -46.96 -10.78
N ALA B 24 8.39 -46.64 -11.80
CA ALA B 24 8.52 -47.24 -13.12
C ALA B 24 7.76 -46.39 -14.11
N ASN B 25 8.34 -46.19 -15.29
CA ASN B 25 7.71 -45.43 -16.36
C ASN B 25 7.42 -44.00 -15.91
N GLY B 26 8.34 -43.44 -15.12
CA GLY B 26 8.25 -42.06 -14.68
C GLY B 26 7.24 -41.77 -13.59
N LEU B 27 6.46 -42.75 -13.15
CA LEU B 27 5.47 -42.58 -12.11
C LEU B 27 5.83 -43.42 -10.88
N ILE B 28 5.18 -43.08 -9.77
CA ILE B 28 5.26 -43.89 -8.56
C ILE B 28 4.28 -45.04 -8.70
N GLN B 29 4.77 -46.27 -8.62
CA GLN B 29 3.96 -47.46 -8.87
C GLN B 29 3.37 -48.07 -7.60
N ALA B 30 4.13 -48.10 -6.51
CA ALA B 30 3.64 -48.72 -5.30
C ALA B 30 4.36 -48.12 -4.10
N ILE B 31 3.69 -48.19 -2.95
CA ILE B 31 4.21 -47.71 -1.67
C ILE B 31 3.81 -48.73 -0.62
N GLY B 32 4.75 -49.13 0.22
CA GLY B 32 4.41 -50.04 1.31
C GLY B 32 5.63 -50.67 1.92
N GLU B 33 5.40 -51.33 3.05
CA GLU B 33 6.45 -52.08 3.72
C GLU B 33 6.79 -53.34 2.92
N ASN B 34 8.09 -53.64 2.81
CA ASN B 34 8.56 -54.90 2.23
C ASN B 34 7.96 -55.15 0.86
N LEU B 35 8.13 -54.19 -0.04
CA LEU B 35 7.55 -54.36 -1.37
C LEU B 35 8.29 -55.44 -2.15
N GLU B 36 7.53 -56.15 -2.98
CA GLU B 36 8.11 -57.08 -3.92
C GLU B 36 9.01 -56.32 -4.91
N THR B 37 10.11 -56.96 -5.32
CA THR B 37 11.03 -56.36 -6.27
C THR B 37 10.82 -56.92 -7.67
N PRO B 38 10.35 -56.13 -8.64
CA PRO B 38 10.24 -56.63 -10.01
C PRO B 38 11.61 -57.06 -10.55
N SER B 39 11.59 -58.01 -11.48
CA SER B 39 12.86 -58.56 -11.98
C SER B 39 13.65 -57.50 -12.73
N GLY B 40 14.95 -57.45 -12.46
CA GLY B 40 15.80 -56.48 -13.13
C GLY B 40 15.54 -55.04 -12.74
N CYS B 41 15.06 -54.81 -11.52
CA CYS B 41 14.71 -53.49 -11.03
C CYS B 41 15.80 -53.03 -10.06
N ASP B 42 16.52 -51.98 -10.44
CA ASP B 42 17.56 -51.41 -9.58
C ASP B 42 16.99 -51.14 -8.18
N VAL B 43 17.86 -51.19 -7.18
CA VAL B 43 17.44 -51.02 -5.80
C VAL B 43 18.34 -50.00 -5.12
N LEU B 44 17.73 -49.12 -4.34
CA LEU B 44 18.41 -48.06 -3.63
C LEU B 44 18.13 -48.24 -2.14
N ASP B 45 19.20 -48.36 -1.36
CA ASP B 45 19.08 -48.56 0.09
C ASP B 45 18.95 -47.20 0.76
N GLY B 46 17.81 -46.95 1.38
CA GLY B 46 17.55 -45.68 2.02
C GLY B 46 17.44 -45.79 3.52
N GLY B 47 18.05 -46.83 4.10
CA GLY B 47 18.05 -47.00 5.53
C GLY B 47 18.63 -45.79 6.23
N GLY B 48 17.95 -45.31 7.26
CA GLY B 48 18.39 -44.15 8.02
C GLY B 48 18.22 -42.81 7.33
N GLN B 49 17.50 -42.76 6.22
CA GLN B 49 17.31 -41.53 5.45
C GLN B 49 15.82 -41.27 5.27
N TYR B 50 15.50 -40.07 4.80
CA TYR B 50 14.13 -39.66 4.56
C TYR B 50 13.89 -39.55 3.07
N LEU B 51 12.75 -40.05 2.64
CA LEU B 51 12.34 -40.00 1.24
C LEU B 51 11.27 -38.92 1.14
N MET B 52 11.56 -37.85 0.42
CA MET B 52 10.65 -36.72 0.31
C MET B 52 10.38 -36.43 -1.15
N PRO B 53 9.27 -35.76 -1.45
CA PRO B 53 9.06 -35.27 -2.82
C PRO B 53 10.26 -34.42 -3.23
N GLY B 54 10.63 -34.52 -4.50
CA GLY B 54 11.70 -33.67 -5.00
C GLY B 54 11.29 -32.21 -4.91
N GLY B 55 12.27 -31.34 -4.67
CA GLY B 55 11.97 -29.92 -4.57
C GLY B 55 11.52 -29.35 -5.91
N ILE B 56 10.54 -28.44 -5.85
CA ILE B 56 10.12 -27.63 -6.97
C ILE B 56 10.60 -26.19 -6.73
N ASP B 57 11.32 -25.62 -7.69
CA ASP B 57 11.76 -24.23 -7.60
C ASP B 57 10.92 -23.38 -8.56
N PRO B 58 9.93 -22.65 -8.09
CA PRO B 58 9.04 -21.93 -9.01
C PRO B 58 9.59 -20.60 -9.48
N HIS B 59 10.89 -20.37 -9.30
CA HIS B 59 11.42 -19.03 -9.64
C HIS B 59 12.87 -19.17 -10.09
N THR B 60 13.06 -19.42 -11.39
CA THR B 60 14.40 -19.47 -11.97
C THR B 60 14.43 -18.65 -13.25
N HIS B 61 15.64 -18.23 -13.62
CA HIS B 61 15.89 -17.39 -14.79
C HIS B 61 17.07 -17.97 -15.60
N MET B 62 16.93 -19.21 -16.07
CA MET B 62 18.02 -19.85 -16.80
C MET B 62 18.35 -19.06 -18.06
N GLN B 63 19.64 -18.79 -18.26
CA GLN B 63 20.15 -18.08 -19.44
C GLN B 63 19.24 -16.91 -19.84
N LEU B 64 18.89 -16.09 -18.85
CA LEU B 64 18.02 -14.95 -19.12
C LEU B 64 18.83 -13.79 -19.72
N PRO B 65 18.41 -13.24 -20.87
CA PRO B 65 18.99 -11.97 -21.35
C PRO B 65 18.41 -10.81 -20.53
N PHE B 66 19.28 -10.09 -19.83
CA PHE B 66 18.83 -9.15 -18.82
C PHE B 66 19.95 -8.17 -18.49
N MET B 67 19.61 -6.89 -18.42
CA MET B 67 20.53 -5.82 -18.05
C MET B 67 21.85 -5.93 -18.84
N GLY B 68 21.71 -5.87 -20.17
CA GLY B 68 22.83 -5.77 -21.08
C GLY B 68 23.58 -7.05 -21.37
N THR B 69 23.08 -8.21 -20.91
CA THR B 69 23.84 -9.45 -21.04
C THR B 69 22.89 -10.65 -20.84
N VAL B 70 23.48 -11.83 -20.78
CA VAL B 70 22.74 -13.10 -20.70
C VAL B 70 23.30 -13.92 -19.55
N ALA B 71 22.41 -14.47 -18.73
CA ALA B 71 22.83 -15.22 -17.54
C ALA B 71 23.79 -16.34 -17.91
N SER B 72 24.73 -16.62 -16.99
CA SER B 72 25.82 -17.57 -17.22
C SER B 72 25.38 -19.03 -17.08
N GLU B 73 24.24 -19.27 -16.45
CA GLU B 73 23.67 -20.61 -16.32
C GLU B 73 22.64 -20.81 -17.43
N ASP B 74 22.76 -21.90 -18.19
CA ASP B 74 21.75 -22.21 -19.20
C ASP B 74 20.78 -23.25 -18.64
N PHE B 75 19.81 -23.64 -19.47
CA PHE B 75 18.75 -24.49 -18.93
C PHE B 75 19.25 -25.87 -18.54
N PHE B 76 20.33 -26.36 -19.16
CA PHE B 76 20.84 -27.68 -18.79
C PHE B 76 21.67 -27.63 -17.51
N SER B 77 22.67 -26.76 -17.46
CA SER B 77 23.51 -26.67 -16.27
C SER B 77 22.69 -26.27 -15.04
N GLY B 78 21.63 -25.48 -15.23
CA GLY B 78 20.80 -25.08 -14.11
C GLY B 78 19.95 -26.22 -13.57
N THR B 79 19.22 -26.89 -14.45
CA THR B 79 18.41 -28.02 -14.00
C THR B 79 19.28 -29.14 -13.45
N ALA B 80 20.45 -29.37 -14.06
CA ALA B 80 21.37 -30.37 -13.52
C ALA B 80 21.82 -30.01 -12.11
N ALA B 81 22.27 -28.76 -11.91
CA ALA B 81 22.67 -28.33 -10.58
C ALA B 81 21.53 -28.47 -9.59
N GLY B 82 20.31 -28.19 -10.02
CA GLY B 82 19.16 -28.37 -9.15
C GLY B 82 18.94 -29.81 -8.77
N LEU B 83 19.26 -30.75 -9.66
CA LEU B 83 19.20 -32.16 -9.33
C LEU B 83 20.21 -32.51 -8.24
N ALA B 84 21.45 -32.02 -8.40
CA ALA B 84 22.48 -32.30 -7.40
C ALA B 84 22.03 -31.87 -6.01
N GLY B 85 21.25 -30.78 -5.91
CA GLY B 85 20.77 -30.30 -4.64
C GLY B 85 19.36 -30.75 -4.29
N GLY B 86 18.85 -31.77 -4.97
CA GLY B 86 17.57 -32.35 -4.58
C GLY B 86 16.34 -31.73 -5.20
N THR B 87 16.50 -30.74 -6.09
CA THR B 87 15.38 -30.10 -6.77
C THR B 87 15.13 -30.75 -8.12
N THR B 88 13.89 -31.18 -8.35
CA THR B 88 13.55 -32.03 -9.48
C THR B 88 12.72 -31.35 -10.55
N SER B 89 12.26 -30.12 -10.33
CA SER B 89 11.59 -29.41 -11.40
C SER B 89 11.56 -27.93 -11.06
N ILE B 90 11.43 -27.13 -12.11
CA ILE B 90 11.49 -25.69 -12.01
C ILE B 90 10.28 -25.10 -12.74
N ILE B 91 9.94 -23.88 -12.36
CA ILE B 91 9.13 -22.99 -13.18
C ILE B 91 9.99 -21.77 -13.44
N ASP B 92 10.24 -21.50 -14.70
CA ASP B 92 11.04 -20.40 -15.21
C ASP B 92 10.11 -19.33 -15.77
N PHE B 93 10.70 -18.28 -16.35
CA PHE B 93 9.96 -17.09 -16.78
C PHE B 93 10.22 -16.79 -18.24
N VAL B 94 9.15 -16.75 -19.03
CA VAL B 94 9.19 -16.13 -20.36
C VAL B 94 9.03 -14.63 -20.17
N ILE B 95 10.03 -13.86 -20.60
CA ILE B 95 9.99 -12.41 -20.46
C ILE B 95 10.01 -11.73 -21.83
N PRO B 96 8.86 -11.58 -22.49
CA PRO B 96 8.84 -10.84 -23.76
C PRO B 96 9.31 -9.41 -23.56
N ASN B 97 9.99 -8.88 -24.56
CA ASN B 97 10.28 -7.46 -24.56
C ASN B 97 9.01 -6.67 -24.80
N PRO B 98 8.99 -5.39 -24.43
CA PRO B 98 7.78 -4.59 -24.67
C PRO B 98 7.43 -4.55 -26.15
N ARG B 99 6.12 -4.60 -26.42
CA ARG B 99 5.54 -4.69 -27.76
C ARG B 99 6.02 -5.92 -28.53
N GLN B 100 6.65 -6.89 -27.86
CA GLN B 100 6.98 -8.15 -28.48
C GLN B 100 5.91 -9.19 -28.17
N SER B 101 5.61 -10.05 -29.15
CA SER B 101 4.52 -11.00 -29.00
C SER B 101 4.85 -12.04 -27.93
N LEU B 102 3.82 -12.46 -27.18
CA LEU B 102 4.04 -13.40 -26.09
C LEU B 102 4.30 -14.81 -26.60
N LEU B 103 3.53 -15.25 -27.61
CA LEU B 103 3.77 -16.59 -28.17
C LEU B 103 5.14 -16.67 -28.82
N GLU B 104 5.57 -15.59 -29.48
CA GLU B 104 6.93 -15.53 -30.02
C GLU B 104 7.96 -15.76 -28.91
N ALA B 105 7.85 -14.99 -27.82
CA ALA B 105 8.73 -15.21 -26.68
C ALA B 105 8.60 -16.63 -26.16
N PHE B 106 7.38 -17.16 -26.11
CA PHE B 106 7.14 -18.47 -25.52
C PHE B 106 7.85 -19.57 -26.31
N HIS B 107 7.67 -19.59 -27.63
CA HIS B 107 8.38 -20.59 -28.45
C HIS B 107 9.88 -20.39 -28.38
N THR B 108 10.35 -19.14 -28.43
CA THR B 108 11.78 -18.89 -28.22
C THR B 108 12.27 -19.51 -26.91
N TRP B 109 11.50 -19.34 -25.81
CA TRP B 109 11.94 -19.87 -24.53
C TRP B 109 11.85 -21.39 -24.50
N ARG B 110 10.75 -21.97 -25.02
CA ARG B 110 10.69 -23.43 -25.20
C ARG B 110 11.93 -23.93 -25.93
N GLY B 111 12.39 -23.20 -26.95
CA GLY B 111 13.61 -23.56 -27.62
C GLY B 111 14.77 -23.68 -26.65
N TRP B 112 15.10 -22.56 -26.01
CA TRP B 112 16.21 -22.54 -25.06
C TRP B 112 16.10 -23.64 -24.00
N ALA B 113 14.87 -23.93 -23.54
CA ALA B 113 14.67 -24.87 -22.43
C ALA B 113 14.69 -26.34 -22.87
N GLN B 114 14.72 -26.61 -24.18
CA GLN B 114 14.72 -27.98 -24.65
C GLN B 114 15.84 -28.81 -24.01
N LYS B 115 17.02 -28.21 -23.83
CA LYS B 115 18.20 -28.82 -23.20
C LYS B 115 18.02 -29.17 -21.72
N SER B 116 16.84 -29.03 -21.09
CA SER B 116 16.71 -29.24 -19.65
C SER B 116 16.86 -30.71 -19.29
N ALA B 117 17.59 -30.97 -18.18
CA ALA B 117 17.80 -32.30 -17.63
C ALA B 117 16.69 -32.75 -16.68
N ALA B 118 15.73 -31.88 -16.40
CA ALA B 118 14.66 -32.22 -15.49
C ALA B 118 13.40 -31.47 -15.91
N ASP B 119 12.25 -31.85 -15.33
CA ASP B 119 10.99 -31.24 -15.72
C ASP B 119 11.04 -29.74 -15.50
N TYR B 120 10.34 -29.01 -16.37
CA TYR B 120 10.37 -27.55 -16.36
C TYR B 120 9.05 -27.03 -16.92
N GLY B 121 8.71 -25.81 -16.49
CA GLY B 121 7.52 -25.10 -16.95
C GLY B 121 7.81 -23.62 -16.94
N PHE B 122 6.84 -22.84 -17.37
CA PHE B 122 7.03 -21.44 -17.43
C PHE B 122 5.91 -20.58 -16.90
N HIS B 123 6.30 -19.46 -16.32
CA HIS B 123 5.39 -18.37 -16.01
C HIS B 123 5.61 -17.42 -17.20
N VAL B 124 4.59 -16.74 -17.66
CA VAL B 124 4.79 -15.78 -18.72
C VAL B 124 4.64 -14.35 -18.19
N ALA B 125 5.65 -13.52 -18.37
CA ALA B 125 5.59 -12.14 -17.88
C ALA B 125 4.80 -11.24 -18.83
N ILE B 126 4.07 -10.30 -18.25
CA ILE B 126 3.27 -9.33 -19.01
C ILE B 126 4.04 -8.01 -18.93
N THR B 127 4.86 -7.76 -19.95
CA THR B 127 5.75 -6.61 -20.00
C THR B 127 5.20 -5.47 -20.85
N TRP B 128 3.96 -5.58 -21.32
CA TRP B 128 3.25 -4.51 -22.02
C TRP B 128 1.81 -5.00 -22.20
N TRP B 129 0.93 -4.11 -22.67
CA TRP B 129 -0.47 -4.44 -22.83
C TRP B 129 -1.00 -4.06 -24.20
N SER B 130 -2.01 -4.82 -24.66
CA SER B 130 -2.77 -4.59 -25.89
C SER B 130 -3.83 -5.69 -25.98
N ASP B 131 -4.80 -5.50 -26.88
CA ASP B 131 -5.80 -6.54 -27.10
C ASP B 131 -5.17 -7.85 -27.55
N GLU B 132 -3.97 -7.78 -28.14
CA GLU B 132 -3.30 -8.99 -28.60
C GLU B 132 -2.67 -9.76 -27.44
N VAL B 133 -2.03 -9.06 -26.50
CA VAL B 133 -1.55 -9.74 -25.31
C VAL B 133 -2.70 -10.45 -24.61
N ALA B 134 -3.84 -9.74 -24.43
CA ALA B 134 -5.01 -10.38 -23.85
C ALA B 134 -5.39 -11.66 -24.61
N ARG B 135 -5.37 -11.60 -25.95
CA ARG B 135 -5.70 -12.77 -26.75
C ARG B 135 -4.64 -13.85 -26.61
N GLU B 136 -3.36 -13.47 -26.69
CA GLU B 136 -2.28 -14.45 -26.57
C GLU B 136 -2.32 -15.15 -25.22
N MET B 137 -2.50 -14.39 -24.14
CA MET B 137 -2.65 -14.97 -22.81
C MET B 137 -3.68 -16.10 -22.82
N GLY B 138 -4.83 -15.86 -23.46
CA GLY B 138 -5.82 -16.92 -23.60
C GLY B 138 -5.26 -18.14 -24.30
N GLU B 139 -4.45 -17.93 -25.33
CA GLU B 139 -3.89 -19.06 -26.07
C GLU B 139 -2.90 -19.82 -25.22
N LEU B 140 -2.03 -19.11 -24.49
CA LEU B 140 -1.01 -19.79 -23.69
C LEU B 140 -1.64 -20.69 -22.64
N VAL B 141 -2.77 -20.27 -22.06
CA VAL B 141 -3.44 -21.08 -21.05
C VAL B 141 -4.19 -22.25 -21.68
N ALA B 142 -4.87 -22.01 -22.81
CA ALA B 142 -5.69 -23.07 -23.39
C ALA B 142 -4.85 -24.12 -24.13
N GLN B 143 -3.77 -23.70 -24.79
CA GLN B 143 -3.02 -24.60 -25.65
C GLN B 143 -1.60 -24.92 -25.19
N HIS B 144 -1.02 -24.13 -24.29
CA HIS B 144 0.41 -24.28 -24.02
C HIS B 144 0.73 -24.53 -22.55
N GLY B 145 -0.26 -24.88 -21.74
CA GLY B 145 0.01 -25.28 -20.37
C GLY B 145 0.52 -24.20 -19.44
N VAL B 146 0.34 -22.93 -19.78
CA VAL B 146 0.70 -21.82 -18.89
C VAL B 146 -0.54 -21.45 -18.07
N ASN B 147 -0.39 -21.32 -16.75
CA ASN B 147 -1.52 -20.90 -15.92
C ASN B 147 -1.13 -19.83 -14.91
N SER B 148 -0.03 -19.13 -15.15
CA SER B 148 0.40 -18.07 -14.24
C SER B 148 1.11 -16.99 -15.05
N PHE B 149 0.82 -15.73 -14.73
CA PHE B 149 1.43 -14.64 -15.44
C PHE B 149 2.14 -13.70 -14.46
N HIS B 151 4.20 -10.22 -13.25
CA HIS B 151 4.20 -8.77 -13.46
C HIS B 151 5.34 -8.10 -12.68
N PHE B 152 6.09 -7.24 -13.35
CA PHE B 152 7.18 -6.51 -12.73
C PHE B 152 6.68 -5.11 -12.41
N MET B 153 6.70 -4.75 -11.13
CA MET B 153 6.34 -3.41 -10.71
C MET B 153 7.54 -2.49 -10.61
N ALA B 154 8.75 -3.04 -10.66
CA ALA B 154 9.96 -2.23 -10.71
C ALA B 154 10.50 -2.24 -12.14
N TYR B 155 11.77 -1.86 -12.32
CA TYR B 155 12.43 -1.77 -13.62
C TYR B 155 11.68 -0.78 -14.53
N LYS B 156 11.64 0.47 -14.07
CA LYS B 156 11.07 1.55 -14.85
C LYS B 156 11.86 1.76 -16.13
N ASN B 157 11.15 2.22 -17.18
CA ASN B 157 11.75 2.40 -18.51
C ASN B 157 12.31 1.09 -19.05
N ALA B 158 11.59 -0.01 -18.78
CA ALA B 158 11.95 -1.33 -19.26
C ALA B 158 10.70 -2.23 -19.22
N ILE B 159 10.64 -3.14 -18.26
CA ILE B 159 9.58 -4.15 -18.21
C ILE B 159 8.50 -3.81 -17.18
N MET B 160 8.57 -2.64 -16.54
CA MET B 160 7.68 -2.31 -15.44
C MET B 160 6.23 -2.20 -15.91
N ALA B 161 5.32 -2.85 -15.18
CA ALA B 161 3.88 -2.76 -15.45
C ALA B 161 3.24 -1.75 -14.50
N ALA B 162 2.64 -0.70 -15.08
CA ALA B 162 1.95 0.30 -14.27
C ALA B 162 0.56 -0.21 -13.89
N ASP B 163 -0.16 0.58 -13.07
CA ASP B 163 -1.45 0.14 -12.56
C ASP B 163 -2.39 -0.25 -13.69
N ASP B 164 -2.39 0.51 -14.79
CA ASP B 164 -3.32 0.23 -15.88
C ASP B 164 -3.07 -1.16 -16.44
N THR B 165 -1.80 -1.53 -16.64
CA THR B 165 -1.51 -2.89 -17.07
C THR B 165 -1.92 -3.90 -16.01
N LEU B 166 -1.56 -3.65 -14.74
CA LEU B 166 -1.85 -4.62 -13.68
C LEU B 166 -3.34 -4.91 -13.61
N VAL B 167 -4.17 -3.87 -13.75
CA VAL B 167 -5.61 -4.05 -13.69
C VAL B 167 -6.09 -4.85 -14.89
N ALA B 168 -5.67 -4.47 -16.09
CA ALA B 168 -6.12 -5.21 -17.28
C ALA B 168 -5.68 -6.66 -17.20
N SER B 169 -4.41 -6.90 -16.89
CA SER B 169 -3.89 -8.26 -16.91
C SER B 169 -4.52 -9.12 -15.81
N PHE B 170 -4.58 -8.60 -14.57
CA PHE B 170 -5.24 -9.35 -13.49
C PHE B 170 -6.66 -9.74 -13.88
N GLU B 171 -7.39 -8.80 -14.48
CA GLU B 171 -8.75 -9.13 -14.91
C GLU B 171 -8.72 -10.24 -15.95
N ARG B 172 -7.71 -10.22 -16.83
CA ARG B 172 -7.57 -11.29 -17.81
C ARG B 172 -7.30 -12.63 -17.12
N CYS B 173 -6.35 -12.65 -16.18
CA CYS B 173 -6.08 -13.89 -15.44
C CYS B 173 -7.35 -14.46 -14.82
N LEU B 174 -8.21 -13.59 -14.28
CA LEU B 174 -9.47 -14.05 -13.71
C LEU B 174 -10.30 -14.77 -14.77
N GLU B 175 -10.42 -14.17 -15.94
CA GLU B 175 -11.22 -14.78 -17.01
C GLU B 175 -10.67 -16.15 -17.38
N LEU B 176 -9.34 -16.29 -17.39
CA LEU B 176 -8.65 -17.50 -17.84
C LEU B 176 -8.40 -18.52 -16.73
N GLY B 177 -8.70 -18.19 -15.48
CA GLY B 177 -8.34 -19.08 -14.39
C GLY B 177 -6.84 -19.16 -14.16
N ALA B 178 -6.10 -18.09 -14.46
CA ALA B 178 -4.66 -18.04 -14.25
C ALA B 178 -4.34 -17.29 -12.95
N VAL B 179 -3.12 -17.50 -12.45
CA VAL B 179 -2.70 -16.94 -11.15
C VAL B 179 -1.78 -15.74 -11.44
N PRO B 180 -2.18 -14.53 -11.09
CA PRO B 180 -1.24 -13.40 -11.21
C PRO B 180 -0.09 -13.54 -10.20
N THR B 181 1.11 -13.26 -10.67
CA THR B 181 2.28 -13.23 -9.81
C THR B 181 2.99 -11.89 -10.02
N VAL B 182 3.61 -11.38 -8.95
CA VAL B 182 4.15 -10.02 -8.99
C VAL B 182 5.53 -9.99 -8.35
N HIS B 183 6.45 -9.29 -9.02
CA HIS B 183 7.68 -8.77 -8.40
C HIS B 183 7.31 -7.40 -7.83
N ALA B 184 7.20 -7.32 -6.50
CA ALA B 184 6.63 -6.15 -5.82
C ALA B 184 7.73 -5.26 -5.31
N GLU B 185 8.02 -4.20 -6.08
CA GLU B 185 8.87 -3.08 -5.69
C GLU B 185 8.33 -1.85 -6.40
N ASN B 186 8.27 -0.70 -5.71
CA ASN B 186 7.77 0.51 -6.37
C ASN B 186 8.81 1.04 -7.35
N GLY B 187 8.50 0.95 -8.65
CA GLY B 187 9.48 1.31 -9.67
C GLY B 187 9.84 2.79 -9.68
N GLU B 188 8.86 3.66 -9.48
CA GLU B 188 9.11 5.10 -9.48
C GLU B 188 10.06 5.50 -8.34
N LEU B 189 9.89 4.93 -7.15
CA LEU B 189 10.80 5.25 -6.05
C LEU B 189 12.19 4.68 -6.28
N VAL B 190 12.29 3.47 -6.83
CA VAL B 190 13.60 2.88 -7.13
C VAL B 190 14.34 3.75 -8.12
N PHE B 191 13.68 4.10 -9.23
CA PHE B 191 14.28 4.98 -10.21
C PHE B 191 14.68 6.30 -9.57
N HIS B 192 13.79 6.90 -8.80
CA HIS B 192 14.12 8.17 -8.15
C HIS B 192 15.35 8.02 -7.27
N LEU B 193 15.40 6.97 -6.45
CA LEU B 193 16.52 6.82 -5.51
C LEU B 193 17.81 6.46 -6.22
N GLN B 194 17.73 5.62 -7.26
CA GLN B 194 18.93 5.33 -8.04
C GLN B 194 19.58 6.61 -8.54
N GLN B 195 18.79 7.46 -9.21
CA GLN B 195 19.34 8.71 -9.74
C GLN B 195 19.93 9.57 -8.63
N LYS B 196 19.21 9.68 -7.50
CA LYS B 196 19.68 10.55 -6.42
C LYS B 196 20.99 10.04 -5.83
N LEU B 197 21.10 8.72 -5.62
CA LEU B 197 22.35 8.18 -5.08
C LEU B 197 23.49 8.35 -6.08
N LEU B 198 23.24 8.08 -7.36
CA LEU B 198 24.27 8.30 -8.37
C LEU B 198 24.68 9.77 -8.43
N ALA B 199 23.70 10.68 -8.41
CA ALA B 199 24.01 12.11 -8.43
C ALA B 199 24.80 12.54 -7.21
N GLN B 200 24.62 11.86 -6.08
CA GLN B 200 25.49 12.12 -4.94
C GLN B 200 26.88 11.52 -5.09
N GLY B 201 27.14 10.78 -6.18
CA GLY B 201 28.40 10.10 -6.33
C GLY B 201 28.52 8.77 -5.63
N LEU B 202 27.44 8.26 -5.05
CA LEU B 202 27.47 6.94 -4.41
C LEU B 202 27.18 5.89 -5.47
N THR B 203 28.23 5.26 -5.99
CA THR B 203 28.10 4.34 -7.10
C THR B 203 28.37 2.89 -6.74
N GLY B 204 28.84 2.60 -5.53
CA GLY B 204 29.20 1.26 -5.13
C GLY B 204 28.01 0.35 -4.88
N PRO B 205 28.29 -0.93 -4.64
CA PRO B 205 27.18 -1.86 -4.32
C PRO B 205 26.46 -1.48 -3.04
N GLU B 206 27.16 -0.91 -2.06
CA GLU B 206 26.51 -0.50 -0.82
C GLU B 206 25.37 0.48 -1.06
N ALA B 207 25.34 1.14 -2.23
CA ALA B 207 24.22 1.99 -2.57
C ALA B 207 23.02 1.20 -3.07
N HIS B 208 23.24 -0.04 -3.55
CA HIS B 208 22.11 -0.83 -4.06
C HIS B 208 20.99 -0.99 -3.05
N PRO B 209 21.22 -1.45 -1.81
CA PRO B 209 20.12 -1.53 -0.84
C PRO B 209 19.49 -0.17 -0.56
N LEU B 210 20.31 0.87 -0.42
CA LEU B 210 19.80 2.21 -0.17
C LEU B 210 18.85 2.69 -1.28
N SER B 211 19.00 2.16 -2.49
CA SER B 211 18.16 2.57 -3.62
C SER B 211 16.78 1.93 -3.61
N ARG B 212 16.53 0.91 -2.78
CA ARG B 212 15.22 0.25 -2.74
C ARG B 212 14.98 -0.30 -1.34
N PRO B 213 14.77 0.59 -0.37
CA PRO B 213 14.60 0.16 1.02
C PRO B 213 13.29 -0.58 1.20
N PRO B 214 13.09 -1.24 2.34
CA PRO B 214 11.98 -2.20 2.45
C PRO B 214 10.59 -1.63 2.23
N GLN B 215 10.35 -0.35 2.53
CA GLN B 215 9.01 0.18 2.30
C GLN B 215 8.67 0.24 0.81
N VAL B 216 9.69 0.24 -0.05
CA VAL B 216 9.46 0.22 -1.49
C VAL B 216 8.81 -1.10 -1.91
N GLU B 217 9.20 -2.20 -1.26
CA GLU B 217 8.57 -3.50 -1.46
C GLU B 217 7.20 -3.57 -0.78
N GLY B 218 7.11 -3.13 0.48
CA GLY B 218 5.82 -3.13 1.16
C GLY B 218 4.75 -2.39 0.39
N GLU B 219 5.11 -1.24 -0.19
CA GLU B 219 4.17 -0.44 -0.96
C GLU B 219 3.63 -1.23 -2.15
N ALA B 220 4.53 -1.75 -2.99
CA ALA B 220 4.10 -2.53 -4.15
C ALA B 220 3.27 -3.75 -3.74
N ALA B 221 3.70 -4.46 -2.69
CA ALA B 221 2.91 -5.61 -2.22
C ALA B 221 1.50 -5.17 -1.86
N SER B 222 1.38 -4.09 -1.09
CA SER B 222 0.06 -3.57 -0.75
C SER B 222 -0.77 -3.30 -2.01
N ARG B 223 -0.15 -2.70 -3.03
CA ARG B 223 -0.89 -2.33 -4.24
C ARG B 223 -1.29 -3.55 -5.06
N ALA B 224 -0.34 -4.47 -5.32
CA ALA B 224 -0.69 -5.73 -5.97
C ALA B 224 -1.81 -6.43 -5.20
N ILE B 225 -1.66 -6.55 -3.88
CA ILE B 225 -2.65 -7.26 -3.09
C ILE B 225 -4.04 -6.63 -3.23
N ARG B 226 -4.10 -5.29 -3.24
CA ARG B 226 -5.41 -4.67 -3.22
C ARG B 226 -6.04 -4.56 -4.61
N ILE B 227 -5.23 -4.56 -5.66
CA ILE B 227 -5.75 -4.77 -7.01
C ILE B 227 -6.37 -6.17 -7.11
N ALA B 228 -5.63 -7.18 -6.65
CA ALA B 228 -6.15 -8.54 -6.66
C ALA B 228 -7.44 -8.65 -5.88
N GLU B 229 -7.53 -8.01 -4.72
CA GLU B 229 -8.76 -8.05 -3.96
C GLU B 229 -9.90 -7.42 -4.74
N THR B 230 -9.62 -6.27 -5.36
CA THR B 230 -10.67 -5.51 -6.03
C THR B 230 -11.19 -6.24 -7.26
N LEU B 231 -10.29 -6.93 -7.98
CA LEU B 231 -10.69 -7.70 -9.15
C LEU B 231 -11.09 -9.13 -8.80
N GLY B 232 -10.80 -9.59 -7.59
CA GLY B 232 -11.28 -10.90 -7.20
C GLY B 232 -10.45 -12.05 -7.73
N THR B 233 -9.13 -11.93 -7.69
CA THR B 233 -8.21 -12.96 -8.12
C THR B 233 -7.31 -13.36 -6.96
N PRO B 234 -6.69 -14.53 -7.04
CA PRO B 234 -5.60 -14.82 -6.12
C PRO B 234 -4.38 -14.03 -6.54
N LEU B 235 -3.30 -14.13 -5.77
CA LEU B 235 -2.10 -13.37 -6.06
C LEU B 235 -0.93 -14.09 -5.41
N TYR B 236 0.15 -14.22 -6.16
CA TYR B 236 1.37 -14.84 -5.67
C TYR B 236 2.48 -13.82 -5.75
N LEU B 237 3.06 -13.45 -4.62
CA LEU B 237 4.15 -12.47 -4.60
C LEU B 237 5.47 -13.21 -4.51
N VAL B 238 6.36 -12.94 -5.48
CA VAL B 238 7.65 -13.62 -5.52
C VAL B 238 8.62 -12.95 -4.54
N HIS B 239 9.68 -13.70 -4.19
CA HIS B 239 10.72 -13.37 -3.21
C HIS B 239 10.44 -12.17 -2.30
N ILE B 240 9.57 -12.38 -1.31
CA ILE B 240 9.36 -11.44 -0.21
C ILE B 240 10.61 -11.36 0.64
N SER B 241 11.11 -10.14 0.84
CA SER B 241 12.31 -9.94 1.63
C SER B 241 12.10 -9.11 2.89
N SER B 242 10.96 -8.48 3.04
CA SER B 242 10.80 -7.41 4.03
C SER B 242 9.66 -7.70 5.00
N ARG B 243 9.82 -7.18 6.22
CA ARG B 243 8.73 -7.24 7.18
C ARG B 243 7.51 -6.50 6.65
N GLU B 244 7.74 -5.34 6.01
CA GLU B 244 6.62 -4.56 5.46
C GLU B 244 5.80 -5.40 4.50
N ALA B 245 6.46 -6.07 3.55
CA ALA B 245 5.72 -6.83 2.56
C ALA B 245 5.02 -8.01 3.22
N LEU B 246 5.72 -8.72 4.11
CA LEU B 246 5.11 -9.83 4.83
C LEU B 246 3.88 -9.38 5.61
N ASP B 247 3.97 -8.23 6.30
CA ASP B 247 2.80 -7.72 7.05
C ASP B 247 1.63 -7.45 6.12
N GLU B 248 1.89 -6.97 4.91
CA GLU B 248 0.78 -6.77 3.99
C GLU B 248 0.12 -8.11 3.63
N ILE B 249 0.93 -9.13 3.35
CA ILE B 249 0.39 -10.45 3.05
C ILE B 249 -0.44 -10.97 4.22
N ALA B 250 0.15 -10.95 5.43
CA ALA B 250 -0.59 -11.38 6.61
C ALA B 250 -1.89 -10.60 6.77
N TYR B 251 -1.85 -9.28 6.51
CA TYR B 251 -3.06 -8.48 6.69
C TYR B 251 -4.15 -8.92 5.71
N ALA B 252 -3.77 -9.15 4.46
CA ALA B 252 -4.75 -9.63 3.49
C ALA B 252 -5.25 -11.04 3.85
N ARG B 253 -4.34 -11.94 4.24
CA ARG B 253 -4.79 -13.31 4.56
C ARG B 253 -5.69 -13.29 5.79
N ALA B 254 -5.37 -12.45 6.78
CA ALA B 254 -6.28 -12.28 7.92
C ALA B 254 -7.63 -11.77 7.48
N LYS B 255 -7.70 -11.12 6.32
CA LYS B 255 -8.95 -10.89 5.60
C LYS B 255 -9.27 -12.03 4.63
N GLY B 256 -8.77 -13.24 4.91
CA GLY B 256 -9.09 -14.41 4.12
C GLY B 256 -8.94 -14.33 2.61
N GLN B 257 -8.17 -13.35 2.13
CA GLN B 257 -7.87 -13.24 0.71
C GLN B 257 -6.83 -14.30 0.32
N PRO B 258 -6.97 -14.94 -0.84
CA PRO B 258 -5.94 -15.89 -1.29
C PRO B 258 -4.68 -15.21 -1.78
N VAL B 259 -3.71 -15.03 -0.89
CA VAL B 259 -2.46 -14.35 -1.18
C VAL B 259 -1.34 -15.27 -0.75
N TYR B 260 -0.41 -15.55 -1.66
CA TYR B 260 0.72 -16.42 -1.34
C TYR B 260 1.99 -15.62 -1.40
N GLY B 261 2.95 -16.00 -0.59
CA GLY B 261 4.26 -15.36 -0.56
C GLY B 261 5.34 -16.41 -0.74
N GLU B 262 6.37 -16.04 -1.48
CA GLU B 262 7.53 -16.87 -1.76
C GLU B 262 8.76 -16.23 -1.13
N VAL B 263 9.68 -17.05 -0.66
CA VAL B 263 10.89 -16.50 -0.05
C VAL B 263 12.10 -17.31 -0.52
N LEU B 264 13.25 -16.64 -0.59
CA LEU B 264 14.53 -17.24 -0.92
C LEU B 264 15.35 -17.48 0.35
N ALA B 265 16.23 -18.48 0.29
CA ALA B 265 17.13 -18.72 1.43
C ALA B 265 17.97 -17.48 1.74
N GLY B 266 18.48 -16.81 0.70
CA GLY B 266 19.29 -15.61 0.93
C GLY B 266 18.61 -14.59 1.83
N HIS B 267 17.32 -14.34 1.58
CA HIS B 267 16.58 -13.38 2.40
C HIS B 267 16.21 -13.94 3.77
N LEU B 268 16.31 -15.26 3.97
CA LEU B 268 16.15 -15.83 5.30
C LEU B 268 17.44 -15.80 6.11
N LEU B 269 18.59 -15.66 5.47
CA LEU B 269 19.84 -15.95 6.18
C LEU B 269 20.91 -14.88 6.05
N LEU B 270 20.76 -13.92 5.15
CA LEU B 270 21.77 -12.89 4.91
C LEU B 270 21.19 -11.51 5.18
N ASP B 271 22.05 -10.59 5.62
CA ASP B 271 21.59 -9.23 5.86
C ASP B 271 22.36 -8.28 4.96
N ASP B 272 21.95 -7.00 5.00
CA ASP B 272 22.44 -6.06 4.03
C ASP B 272 23.89 -5.65 4.25
N SER B 273 24.52 -6.08 5.34
CA SER B 273 25.94 -5.79 5.53
C SER B 273 26.80 -6.38 4.43
N VAL B 274 26.27 -7.34 3.67
CA VAL B 274 27.08 -7.96 2.63
C VAL B 274 27.45 -6.93 1.57
N TYR B 275 26.61 -5.92 1.35
CA TYR B 275 26.91 -4.93 0.32
C TYR B 275 28.04 -4.00 0.70
N ARG B 276 28.39 -3.92 1.97
CA ARG B 276 29.48 -3.06 2.41
C ARG B 276 30.81 -3.80 2.51
N HIS B 277 30.91 -5.00 1.94
CA HIS B 277 32.15 -5.74 1.97
C HIS B 277 33.27 -4.91 1.36
N PRO B 278 34.47 -4.93 1.94
CA PRO B 278 35.57 -4.11 1.39
C PRO B 278 35.94 -4.47 -0.05
N ASP B 279 35.73 -5.71 -0.49
CA ASP B 279 36.07 -6.10 -1.85
C ASP B 279 34.86 -5.91 -2.76
N TRP B 280 35.08 -5.21 -3.89
CA TRP B 280 33.96 -4.80 -4.74
C TRP B 280 33.23 -6.01 -5.32
N ALA B 281 33.98 -6.98 -5.86
CA ALA B 281 33.37 -8.13 -6.50
C ALA B 281 32.59 -8.98 -5.50
N THR B 282 33.09 -9.08 -4.27
CA THR B 282 32.38 -9.79 -3.21
C THR B 282 31.03 -9.13 -2.92
N ALA B 283 31.04 -7.81 -2.74
CA ALA B 283 29.78 -7.09 -2.53
C ALA B 283 28.88 -7.20 -3.76
N ALA B 284 29.46 -6.99 -4.95
CA ALA B 284 28.65 -7.06 -6.17
C ALA B 284 27.95 -8.40 -6.31
N GLY B 285 28.55 -9.46 -5.76
CA GLY B 285 27.98 -10.79 -5.86
C GLY B 285 26.62 -10.94 -5.21
N TYR B 286 26.31 -10.11 -4.21
CA TYR B 286 25.03 -10.17 -3.52
C TYR B 286 23.95 -9.29 -4.14
N VAL B 287 24.28 -8.54 -5.19
CA VAL B 287 23.35 -7.58 -5.77
C VAL B 287 22.26 -8.34 -6.52
N MET B 288 21.05 -8.31 -5.96
CA MET B 288 19.82 -8.78 -6.60
C MET B 288 18.70 -7.92 -6.06
N SER B 289 17.50 -8.09 -6.60
CA SER B 289 16.36 -7.29 -6.19
C SER B 289 15.15 -8.19 -5.97
N PRO B 290 14.51 -8.14 -4.78
CA PRO B 290 14.95 -7.16 -3.77
C PRO B 290 16.28 -7.53 -3.10
N PRO B 291 16.96 -6.54 -2.55
CA PRO B 291 18.25 -6.79 -1.90
C PRO B 291 18.09 -7.42 -0.53
N PHE B 292 19.21 -7.87 0.02
CA PHE B 292 19.24 -8.37 1.38
C PHE B 292 19.07 -7.21 2.37
N ARG B 293 18.54 -7.51 3.55
CA ARG B 293 17.95 -6.53 4.43
C ARG B 293 18.53 -6.60 5.83
N PRO B 294 18.33 -5.55 6.63
CA PRO B 294 18.72 -5.60 8.05
C PRO B 294 18.15 -6.84 8.74
N VAL B 295 18.87 -7.32 9.76
CA VAL B 295 18.60 -8.64 10.33
C VAL B 295 17.17 -8.77 10.82
N GLU B 296 16.55 -7.69 11.28
CA GLU B 296 15.20 -7.83 11.77
C GLU B 296 14.24 -8.38 10.72
N HIS B 297 14.56 -8.24 9.43
CA HIS B 297 13.68 -8.76 8.38
C HIS B 297 13.81 -10.29 8.26
N GLN B 298 15.01 -10.83 8.45
CA GLN B 298 15.17 -12.29 8.46
C GLN B 298 14.27 -12.93 9.50
N GLU B 299 14.27 -12.38 10.71
CA GLU B 299 13.45 -12.94 11.78
C GLU B 299 11.98 -12.82 11.47
N ALA B 300 11.56 -11.71 10.86
CA ALA B 300 10.15 -11.60 10.47
C ALA B 300 9.79 -12.65 9.42
N LEU B 301 10.70 -12.93 8.49
CA LEU B 301 10.42 -13.89 7.42
C LEU B 301 10.29 -15.31 7.98
N TRP B 302 11.20 -15.72 8.86
CA TRP B 302 11.07 -17.02 9.53
C TRP B 302 9.69 -17.19 10.18
N ARG B 303 9.28 -16.19 10.97
CA ARG B 303 7.95 -16.26 11.57
C ARG B 303 6.88 -16.30 10.49
N GLY B 304 7.12 -15.66 9.35
CA GLY B 304 6.21 -15.83 8.22
C GLY B 304 6.08 -17.29 7.83
N LEU B 305 7.20 -17.98 7.68
CA LEU B 305 7.15 -19.42 7.39
C LEU B 305 6.38 -20.16 8.49
N GLN B 306 6.73 -19.91 9.75
CA GLN B 306 6.11 -20.67 10.85
C GLN B 306 4.63 -20.38 10.98
N SER B 307 4.21 -19.19 10.57
CA SER B 307 2.84 -18.80 10.81
C SER B 307 1.92 -19.14 9.65
N GLY B 308 2.45 -19.64 8.55
CA GLY B 308 1.63 -19.87 7.37
C GLY B 308 1.35 -18.63 6.54
N ASN B 309 2.16 -17.57 6.66
CA ASN B 309 1.95 -16.36 5.87
C ASN B 309 2.96 -16.22 4.73
N LEU B 310 3.99 -17.06 4.71
CA LEU B 310 4.83 -17.32 3.56
C LEU B 310 4.66 -18.79 3.19
N HIS B 311 4.65 -19.10 1.90
CA HIS B 311 4.13 -20.39 1.46
C HIS B 311 5.10 -21.22 0.65
N THR B 312 6.08 -20.62 -0.04
CA THR B 312 6.96 -21.38 -0.92
C THR B 312 8.39 -20.86 -0.78
N THR B 313 9.34 -21.74 -1.06
CA THR B 313 10.74 -21.37 -1.20
C THR B 313 11.15 -21.52 -2.66
N ALA B 314 12.03 -20.62 -3.11
CA ALA B 314 12.48 -20.54 -4.48
C ALA B 314 13.88 -19.98 -4.44
N THR B 315 14.46 -19.68 -5.61
CA THR B 315 15.82 -19.19 -5.61
C THR B 315 16.05 -17.94 -6.46
N ASP B 316 15.12 -17.55 -7.32
CA ASP B 316 15.39 -16.44 -8.24
C ASP B 316 16.70 -16.69 -8.98
N HIS B 317 16.95 -17.96 -9.34
CA HIS B 317 18.24 -18.39 -9.87
C HIS B 317 18.58 -17.65 -11.17
N CYS B 318 19.55 -16.75 -11.08
CA CYS B 318 19.86 -15.75 -12.09
C CYS B 318 21.35 -15.43 -11.92
N CYS B 319 22.19 -16.16 -12.65
CA CYS B 319 23.63 -16.16 -12.42
C CYS B 319 24.37 -15.19 -13.36
N PHE B 320 25.35 -14.50 -12.79
CA PHE B 320 26.22 -13.60 -13.51
C PHE B 320 27.60 -13.73 -12.91
N CYS B 321 28.61 -13.95 -13.76
CA CYS B 321 29.97 -14.12 -13.31
C CYS B 321 30.58 -12.76 -12.98
N ALA B 322 31.72 -12.79 -12.28
CA ALA B 322 32.36 -11.55 -11.83
C ALA B 322 32.52 -10.54 -12.96
N GLU B 323 32.79 -11.02 -14.18
CA GLU B 323 32.98 -10.12 -15.31
C GLU B 323 31.68 -9.44 -15.69
N GLN B 324 30.56 -10.18 -15.63
CA GLN B 324 29.27 -9.57 -15.89
C GLN B 324 28.86 -8.65 -14.75
N LYS B 325 29.09 -9.05 -13.50
CA LYS B 325 28.84 -8.14 -12.38
C LYS B 325 29.59 -6.82 -12.59
N ALA B 326 30.87 -6.90 -12.99
CA ALA B 326 31.71 -5.72 -13.18
C ALA B 326 31.19 -4.79 -14.28
N MET B 327 30.19 -5.21 -15.07
CA MET B 327 29.53 -4.28 -15.96
C MET B 327 29.07 -3.01 -15.25
N GLY B 328 28.96 -3.05 -13.91
CA GLY B 328 28.59 -1.87 -13.15
C GLY B 328 29.65 -1.46 -12.14
N ARG B 329 30.90 -1.58 -12.47
CA ARG B 329 31.94 -1.21 -11.55
C ARG B 329 31.89 0.24 -11.15
N ASP B 330 31.26 1.04 -11.97
CA ASP B 330 31.18 2.47 -11.70
C ASP B 330 29.73 2.96 -11.62
N ASP B 331 28.78 2.06 -11.41
CA ASP B 331 27.37 2.41 -11.35
C ASP B 331 26.58 1.21 -10.88
N PHE B 332 26.28 1.16 -9.58
CA PHE B 332 25.58 0.01 -9.03
C PHE B 332 24.31 -0.31 -9.81
N SER B 333 23.68 0.70 -10.40
CA SER B 333 22.45 0.48 -11.17
C SER B 333 22.69 -0.33 -12.44
N LYS B 334 23.94 -0.56 -12.82
CA LYS B 334 24.23 -1.35 -14.01
C LYS B 334 24.74 -2.75 -13.69
N ILE B 335 24.97 -3.08 -12.42
CA ILE B 335 25.36 -4.43 -12.05
C ILE B 335 24.19 -5.36 -12.36
N PRO B 336 24.36 -6.37 -13.21
CA PRO B 336 23.23 -7.28 -13.47
C PRO B 336 22.76 -7.91 -12.16
N ASN B 337 21.43 -7.90 -11.95
CA ASN B 337 20.83 -8.31 -10.69
C ASN B 337 20.60 -9.82 -10.65
N GLY B 338 21.03 -10.45 -9.58
CA GLY B 338 20.71 -11.85 -9.39
C GLY B 338 21.79 -12.65 -8.67
N THR B 339 21.36 -13.70 -7.99
CA THR B 339 22.23 -14.61 -7.26
C THR B 339 21.89 -16.03 -7.72
N ALA B 340 22.77 -16.98 -7.40
CA ALA B 340 22.51 -18.39 -7.63
C ALA B 340 22.00 -19.06 -6.36
N GLY B 341 21.24 -20.14 -6.52
CA GLY B 341 20.81 -20.90 -5.37
C GLY B 341 20.02 -22.19 -5.62
N ILE B 342 19.84 -22.60 -6.88
CA ILE B 342 18.96 -23.74 -7.15
C ILE B 342 19.49 -25.00 -6.48
N GLU B 343 20.81 -25.17 -6.47
CA GLU B 343 21.41 -26.34 -5.86
C GLU B 343 21.38 -26.28 -4.34
N ASP B 344 21.39 -25.08 -3.76
CA ASP B 344 21.59 -24.91 -2.33
C ASP B 344 20.29 -24.74 -1.54
N ARG B 345 19.16 -24.48 -2.22
CA ARG B 345 17.94 -24.11 -1.51
C ARG B 345 17.57 -25.13 -0.46
N MET B 346 17.46 -26.40 -0.87
CA MET B 346 16.91 -27.41 0.03
C MET B 346 17.85 -27.71 1.21
N ALA B 347 19.15 -27.79 0.97
CA ALA B 347 20.08 -28.00 2.09
C ALA B 347 20.06 -26.80 3.04
N LEU B 348 20.17 -25.59 2.48
CA LEU B 348 20.13 -24.38 3.29
C LEU B 348 18.92 -24.37 4.22
N LEU B 349 17.73 -24.61 3.66
CA LEU B 349 16.51 -24.57 4.46
C LEU B 349 16.45 -25.69 5.48
N TRP B 350 16.85 -26.91 5.09
CA TRP B 350 16.89 -28.01 6.06
C TRP B 350 17.82 -27.68 7.21
N ASP B 351 19.03 -27.22 6.90
CA ASP B 351 20.01 -26.98 7.94
C ASP B 351 19.56 -25.88 8.89
N ALA B 352 19.04 -24.77 8.34
CA ALA B 352 18.69 -23.62 9.18
C ALA B 352 17.29 -23.76 9.77
N GLY B 353 16.38 -24.45 9.09
CA GLY B 353 15.01 -24.57 9.56
C GLY B 353 14.65 -25.82 10.35
N VAL B 354 15.10 -26.99 9.88
CA VAL B 354 14.74 -28.25 10.56
C VAL B 354 15.74 -28.59 11.64
N ASN B 355 17.03 -28.65 11.30
CA ASN B 355 18.04 -28.84 12.33
C ASN B 355 17.82 -27.86 13.45
N SER B 356 17.71 -26.59 13.12
CA SER B 356 17.38 -25.69 14.18
C SER B 356 16.03 -26.08 14.70
N GLY B 357 15.06 -26.21 13.81
CA GLY B 357 13.74 -26.74 14.05
C GLY B 357 12.68 -25.70 14.21
N ARG B 358 12.91 -24.50 13.68
CA ARG B 358 11.85 -23.53 13.44
C ARG B 358 10.77 -24.16 12.58
N LEU B 359 11.16 -25.17 11.80
CA LEU B 359 10.32 -25.93 10.87
C LEU B 359 10.38 -27.39 11.26
N SER B 360 9.23 -28.05 11.25
CA SER B 360 9.14 -29.49 11.25
C SER B 360 9.56 -30.03 9.87
N MET B 361 9.78 -31.34 9.81
CA MET B 361 10.11 -31.98 8.55
C MET B 361 8.98 -31.84 7.55
N HIS B 362 7.75 -31.88 8.04
CA HIS B 362 6.59 -31.76 7.16
C HIS B 362 6.48 -30.36 6.59
N GLU B 363 6.78 -29.33 7.39
CA GLU B 363 6.78 -27.97 6.85
C GLU B 363 7.87 -27.81 5.81
N PHE B 364 9.03 -28.40 6.07
CA PHE B 364 10.09 -28.41 5.06
C PHE B 364 9.56 -28.91 3.71
N VAL B 365 8.84 -30.03 3.72
CA VAL B 365 8.32 -30.58 2.46
C VAL B 365 7.32 -29.61 1.85
N ALA B 366 6.31 -29.21 2.64
CA ALA B 366 5.33 -28.25 2.15
C ALA B 366 6.00 -27.04 1.51
N LEU B 367 7.08 -26.54 2.10
CA LEU B 367 7.71 -25.30 1.66
C LEU B 367 8.69 -25.49 0.52
N THR B 368 9.15 -26.73 0.27
CA THR B 368 10.05 -26.96 -0.83
C THR B 368 9.36 -27.59 -2.05
N SER B 369 8.13 -28.11 -1.91
CA SER B 369 7.45 -28.63 -3.10
C SER B 369 5.93 -28.55 -3.04
N THR B 370 5.31 -29.13 -2.02
CA THR B 370 3.87 -29.38 -2.08
C THR B 370 3.08 -28.08 -2.22
N ASN B 371 3.48 -27.03 -1.49
CA ASN B 371 2.72 -25.76 -1.54
C ASN B 371 2.80 -25.15 -2.93
N THR B 372 4.00 -25.07 -3.50
CA THR B 372 4.15 -24.63 -4.89
C THR B 372 3.29 -25.45 -5.82
N ALA B 373 3.28 -26.77 -5.65
CA ALA B 373 2.46 -27.63 -6.49
C ALA B 373 0.99 -27.27 -6.35
N LYS B 374 0.54 -27.07 -5.11
CA LYS B 374 -0.86 -26.77 -4.89
C LYS B 374 -1.22 -25.42 -5.51
N ILE B 375 -0.40 -24.40 -5.25
CA ILE B 375 -0.71 -23.04 -5.71
C ILE B 375 -0.86 -23.01 -7.22
N PHE B 376 0.03 -23.70 -7.94
CA PHE B 376 0.04 -23.69 -9.40
C PHE B 376 -0.60 -24.93 -10.02
N ASN B 377 -1.44 -25.63 -9.26
CA ASN B 377 -2.29 -26.68 -9.80
C ASN B 377 -1.48 -27.86 -10.33
N LEU B 378 -0.37 -28.20 -9.68
CA LEU B 378 0.42 -29.38 -10.03
C LEU B 378 0.33 -30.46 -8.96
N PHE B 379 -0.67 -30.39 -8.09
CA PHE B 379 -0.84 -31.35 -7.02
C PHE B 379 -2.08 -32.18 -7.29
N PRO B 380 -2.03 -33.52 -7.16
CA PRO B 380 -0.89 -34.29 -6.62
C PRO B 380 0.09 -34.87 -7.65
N ARG B 381 0.09 -34.38 -8.88
CA ARG B 381 1.07 -34.88 -9.85
C ARG B 381 2.50 -34.66 -9.34
N LYS B 382 2.77 -33.51 -8.72
CA LYS B 382 4.08 -33.16 -8.17
C LYS B 382 3.96 -32.88 -6.68
N GLY B 383 5.10 -32.79 -6.01
CA GLY B 383 5.14 -32.51 -4.58
C GLY B 383 4.32 -33.46 -3.73
N ALA B 384 4.15 -34.69 -4.21
CA ALA B 384 3.33 -35.69 -3.56
C ALA B 384 3.96 -37.07 -3.70
N ILE B 385 3.93 -37.83 -2.61
CA ILE B 385 4.38 -39.22 -2.65
C ILE B 385 3.14 -40.10 -2.55
N ARG B 386 2.58 -40.46 -3.70
CA ARG B 386 1.42 -41.33 -3.79
C ARG B 386 1.48 -42.10 -5.11
N VAL B 387 0.66 -43.13 -5.23
CA VAL B 387 0.67 -43.94 -6.44
C VAL B 387 -0.01 -43.17 -7.57
N GLY B 388 0.68 -43.06 -8.69
CA GLY B 388 0.23 -42.26 -9.80
C GLY B 388 0.92 -40.92 -9.95
N ALA B 389 1.68 -40.49 -8.94
CA ALA B 389 2.36 -39.20 -9.01
C ALA B 389 3.68 -39.35 -9.76
N ASP B 390 4.12 -38.26 -10.39
CA ASP B 390 5.43 -38.26 -11.01
C ASP B 390 6.48 -38.68 -9.99
N ALA B 391 7.39 -39.56 -10.42
CA ALA B 391 8.44 -40.08 -9.54
C ALA B 391 9.59 -39.07 -9.48
N ASP B 392 9.30 -37.92 -8.87
CA ASP B 392 10.32 -36.91 -8.56
C ASP B 392 10.52 -36.99 -7.06
N LEU B 393 11.70 -37.45 -6.63
CA LEU B 393 11.95 -37.71 -5.22
C LEU B 393 13.36 -37.29 -4.86
N VAL B 394 13.59 -37.16 -3.57
CA VAL B 394 14.93 -36.91 -3.04
C VAL B 394 15.11 -37.76 -1.79
N LEU B 395 16.27 -38.38 -1.67
CA LEU B 395 16.62 -39.15 -0.48
C LEU B 395 17.59 -38.31 0.33
N TRP B 396 17.29 -38.14 1.62
CA TRP B 396 17.92 -37.11 2.44
C TRP B 396 18.66 -37.75 3.60
N ASP B 397 19.98 -37.56 3.66
CA ASP B 397 20.78 -38.02 4.78
C ASP B 397 20.88 -36.94 5.85
N PRO B 398 20.15 -37.06 6.95
CA PRO B 398 20.17 -35.99 7.97
C PRO B 398 21.52 -35.80 8.63
N GLN B 399 22.43 -36.77 8.56
CA GLN B 399 23.74 -36.63 9.17
C GLN B 399 24.83 -36.32 8.17
N GLY B 400 24.52 -36.35 6.88
CA GLY B 400 25.51 -35.94 5.89
C GLY B 400 25.85 -34.47 6.03
N SER B 401 27.05 -34.11 5.57
CA SER B 401 27.51 -32.74 5.65
C SER B 401 27.98 -32.25 4.30
N ARG B 402 27.84 -30.95 4.09
CA ARG B 402 28.28 -30.33 2.86
C ARG B 402 28.71 -28.90 3.16
N THR B 403 29.71 -28.43 2.42
CA THR B 403 30.19 -27.05 2.57
C THR B 403 30.01 -26.34 1.24
N LEU B 404 29.15 -25.33 1.24
CA LEU B 404 28.84 -24.64 -0.02
C LEU B 404 30.00 -23.77 -0.44
N SER B 405 30.48 -23.97 -1.67
CA SER B 405 31.52 -23.14 -2.21
C SER B 405 31.34 -23.05 -3.71
N ALA B 406 31.67 -21.89 -4.27
CA ALA B 406 31.59 -21.72 -5.72
C ALA B 406 32.59 -22.61 -6.45
N ALA B 407 33.70 -22.96 -5.78
CA ALA B 407 34.72 -23.79 -6.39
C ALA B 407 34.25 -25.22 -6.64
N THR B 408 33.22 -25.68 -5.92
CA THR B 408 32.78 -27.05 -5.99
C THR B 408 31.32 -27.22 -6.37
N HIS B 409 30.54 -26.16 -6.45
CA HIS B 409 29.14 -26.32 -6.76
C HIS B 409 28.94 -26.57 -8.26
N HIS B 410 27.81 -27.21 -8.60
CA HIS B 410 27.53 -27.55 -9.98
C HIS B 410 26.90 -26.40 -10.76
N GLN B 411 26.51 -25.33 -10.08
CA GLN B 411 25.97 -24.16 -10.76
C GLN B 411 27.09 -23.42 -11.49
N ARG B 412 26.92 -23.18 -12.79
CA ARG B 412 27.97 -22.55 -13.58
C ARG B 412 27.98 -21.05 -13.29
N VAL B 413 28.76 -20.67 -12.28
CA VAL B 413 28.85 -19.29 -11.82
C VAL B 413 29.98 -19.23 -10.82
N ASP B 414 30.75 -18.14 -10.82
CA ASP B 414 31.95 -18.04 -9.99
C ASP B 414 31.70 -17.42 -8.61
N PHE B 415 30.48 -17.51 -8.08
CA PHE B 415 30.18 -16.91 -6.79
C PHE B 415 29.07 -17.68 -6.10
N ASN B 416 29.19 -17.83 -4.78
CA ASN B 416 28.14 -18.42 -3.96
C ASN B 416 27.88 -17.51 -2.76
N ILE B 417 26.66 -16.99 -2.67
CA ILE B 417 26.31 -16.06 -1.60
C ILE B 417 26.36 -16.70 -0.24
N PHE B 418 26.54 -18.03 -0.17
CA PHE B 418 26.74 -18.72 1.10
C PHE B 418 28.11 -19.40 1.14
N GLU B 419 29.11 -18.80 0.49
CA GLU B 419 30.44 -19.38 0.42
C GLU B 419 30.97 -19.74 1.79
N GLY B 420 31.46 -20.98 1.93
CA GLY B 420 32.07 -21.44 3.16
C GLY B 420 31.11 -21.94 4.21
N ARG B 421 29.81 -21.94 3.94
CA ARG B 421 28.83 -22.34 4.94
C ARG B 421 28.69 -23.86 4.95
N THR B 422 28.68 -24.45 6.14
CA THR B 422 28.60 -25.88 6.32
C THR B 422 27.19 -26.25 6.76
N VAL B 423 26.54 -27.14 6.01
CA VAL B 423 25.18 -27.56 6.29
C VAL B 423 25.20 -29.03 6.71
N ARG B 424 24.40 -29.36 7.72
CA ARG B 424 24.15 -30.74 8.13
C ARG B 424 22.78 -31.18 7.61
N GLY B 425 22.77 -32.19 6.76
CA GLY B 425 21.55 -32.63 6.10
C GLY B 425 21.65 -32.34 4.63
N ILE B 426 21.87 -33.37 3.81
CA ILE B 426 22.11 -33.18 2.38
C ILE B 426 21.25 -34.17 1.60
N PRO B 427 21.04 -33.91 0.31
CA PRO B 427 20.45 -34.90 -0.58
C PRO B 427 21.50 -35.91 -1.02
N SER B 428 21.35 -37.16 -0.57
CA SER B 428 22.24 -38.22 -1.03
C SER B 428 21.88 -38.68 -2.44
N HIS B 429 20.59 -38.67 -2.77
CA HIS B 429 20.13 -39.19 -4.04
C HIS B 429 18.95 -38.37 -4.52
N THR B 430 19.02 -37.95 -5.77
CA THR B 430 17.89 -37.29 -6.42
C THR B 430 17.35 -38.21 -7.51
N ILE B 431 16.03 -38.29 -7.60
CA ILE B 431 15.33 -39.16 -8.54
C ILE B 431 14.34 -38.31 -9.33
N SER B 432 14.55 -38.20 -10.65
CA SER B 432 13.73 -37.38 -11.53
C SER B 432 13.14 -38.26 -12.63
N GLN B 433 11.80 -38.26 -12.74
CA GLN B 433 11.07 -39.12 -13.67
C GLN B 433 11.35 -40.59 -13.44
N GLY B 434 11.62 -40.98 -12.20
CA GLY B 434 11.91 -42.35 -11.87
C GLY B 434 13.35 -42.77 -12.05
N LYS B 435 14.18 -41.98 -12.73
CA LYS B 435 15.59 -42.30 -12.92
C LYS B 435 16.46 -41.62 -11.87
N LEU B 436 17.51 -42.32 -11.45
CA LEU B 436 18.41 -41.81 -10.43
C LEU B 436 19.44 -40.91 -11.12
N LEU B 437 19.31 -39.60 -10.92
CA LEU B 437 20.15 -38.66 -11.67
C LEU B 437 21.21 -37.98 -10.80
N TRP B 438 21.23 -38.27 -9.50
CA TRP B 438 22.24 -37.79 -8.58
C TRP B 438 22.39 -38.86 -7.51
N ALA B 439 23.62 -39.29 -7.28
CA ALA B 439 23.88 -40.39 -6.35
C ALA B 439 25.24 -40.18 -5.72
N ALA B 440 25.24 -39.99 -4.39
CA ALA B 440 26.46 -39.96 -3.57
C ALA B 440 27.64 -39.29 -4.26
N GLY B 441 27.40 -38.18 -4.96
CA GLY B 441 28.45 -37.41 -5.58
C GLY B 441 28.46 -37.48 -7.10
N ASP B 442 27.74 -38.42 -7.69
CA ASP B 442 27.75 -38.61 -9.14
C ASP B 442 26.52 -37.94 -9.74
N LEU B 443 26.74 -37.02 -10.68
CA LEU B 443 25.68 -36.34 -11.39
C LEU B 443 25.48 -37.02 -12.76
N ARG B 444 24.25 -37.45 -13.03
CA ARG B 444 23.91 -38.22 -14.21
C ARG B 444 22.94 -37.48 -15.13
N ALA B 445 23.05 -36.15 -15.18
CA ALA B 445 22.09 -35.36 -15.95
C ALA B 445 22.42 -35.41 -17.42
N GLU B 446 21.37 -35.44 -18.25
CA GLU B 446 21.52 -35.55 -19.69
C GLU B 446 20.78 -34.40 -20.35
N PRO B 447 21.42 -33.64 -21.23
CA PRO B 447 20.70 -32.61 -21.98
C PRO B 447 19.47 -33.18 -22.64
N GLY B 448 18.36 -32.44 -22.58
CA GLY B 448 17.12 -32.82 -23.22
C GLY B 448 16.30 -33.86 -22.50
N ALA B 449 16.78 -34.39 -21.37
CA ALA B 449 16.02 -35.41 -20.66
C ALA B 449 14.71 -34.89 -20.04
N GLY B 450 14.60 -33.59 -19.78
CA GLY B 450 13.43 -33.08 -19.07
C GLY B 450 12.24 -32.86 -19.99
N ARG B 451 11.05 -32.97 -19.41
CA ARG B 451 9.80 -32.64 -20.10
C ARG B 451 9.31 -31.25 -19.71
N TYR B 452 8.59 -30.63 -20.65
CA TYR B 452 7.82 -29.42 -20.38
C TYR B 452 6.54 -29.81 -19.66
N VAL B 453 6.26 -29.13 -18.54
CA VAL B 453 5.15 -29.48 -17.67
C VAL B 453 4.03 -28.47 -17.88
N GLU B 454 2.87 -28.95 -18.31
CA GLU B 454 1.71 -28.09 -18.43
C GLU B 454 1.01 -28.01 -17.08
N ARG B 455 0.47 -26.83 -16.78
CA ARG B 455 -0.27 -26.62 -15.53
C ARG B 455 -1.69 -26.20 -15.89
N PRO B 456 -2.70 -26.98 -15.51
CA PRO B 456 -4.07 -26.64 -15.92
C PRO B 456 -4.61 -25.42 -15.20
N ALA B 457 -5.45 -24.68 -15.91
CA ALA B 457 -6.06 -23.48 -15.36
C ALA B 457 -7.08 -23.85 -14.28
N TYR B 458 -7.57 -22.82 -13.60
CA TYR B 458 -8.58 -22.90 -12.55
C TYR B 458 -8.19 -23.81 -11.39
N PRO B 459 -7.10 -23.53 -10.68
CA PRO B 459 -6.90 -24.18 -9.38
C PRO B 459 -8.10 -23.95 -8.47
N SER B 460 -8.22 -24.81 -7.46
CA SER B 460 -9.47 -24.87 -6.69
C SER B 460 -9.86 -23.52 -6.11
N VAL B 461 -8.88 -22.64 -5.83
CA VAL B 461 -9.23 -21.34 -5.24
C VAL B 461 -10.25 -20.62 -6.10
N TYR B 462 -10.21 -20.83 -7.43
CA TYR B 462 -11.15 -20.16 -8.31
C TYR B 462 -12.60 -20.62 -8.10
N GLU B 463 -12.83 -21.82 -7.57
CA GLU B 463 -14.22 -22.21 -7.30
C GLU B 463 -14.77 -21.44 -6.10
N VAL B 464 -13.94 -21.20 -5.07
CA VAL B 464 -14.42 -20.43 -3.93
C VAL B 464 -14.59 -18.96 -4.32
N LEU B 465 -13.62 -18.41 -5.06
CA LEU B 465 -13.76 -17.07 -5.61
C LEU B 465 -15.07 -16.94 -6.39
N GLY B 466 -15.39 -17.95 -7.21
CA GLY B 466 -16.58 -17.90 -8.02
C GLY B 466 -17.85 -17.75 -7.19
N ARG B 467 -17.97 -18.58 -6.16
CA ARG B 467 -19.12 -18.52 -5.29
C ARG B 467 -19.17 -17.18 -4.57
N ARG B 468 -18.01 -16.62 -4.27
CA ARG B 468 -17.96 -15.32 -3.60
C ARG B 468 -18.45 -14.23 -4.50
N ALA B 469 -17.93 -14.21 -5.72
CA ALA B 469 -18.35 -13.22 -6.71
C ALA B 469 -19.87 -13.28 -6.92
N GLU B 470 -20.45 -14.48 -6.89
CA GLU B 470 -21.89 -14.61 -7.09
C GLU B 470 -22.70 -14.03 -5.94
N ARG B 471 -22.20 -14.15 -4.70
CA ARG B 471 -22.87 -13.55 -3.56
C ARG B 471 -22.80 -12.04 -3.57
N GLN B 472 -21.82 -11.48 -4.26
CA GLN B 472 -21.51 -10.06 -4.23
C GLN B 472 -21.92 -9.34 -5.50
N ARG B 473 -22.74 -9.94 -6.34
CA ARG B 473 -23.18 -9.28 -7.55
C ARG B 473 -24.07 -8.12 -7.13
N PRO B 474 -23.96 -6.98 -7.82
CA PRO B 474 -24.71 -5.80 -7.37
C PRO B 474 -26.16 -5.78 -7.84
N VAL B 475 -27.04 -5.34 -6.94
CA VAL B 475 -28.48 -5.23 -7.18
C VAL B 475 -28.83 -3.75 -7.27
N ALA B 476 -29.41 -3.33 -8.39
CA ALA B 476 -29.85 -1.96 -8.51
C ALA B 476 -31.01 -1.68 -7.55
N VAL B 477 -31.14 -0.43 -7.15
CA VAL B 477 -32.31 0.02 -6.39
C VAL B 477 -33.42 0.34 -7.37
N GLU B 478 -34.63 -0.11 -7.07
CA GLU B 478 -35.77 0.11 -7.96
C GLU B 478 -36.47 1.41 -7.61
N ARG B 479 -36.57 2.30 -8.59
CA ARG B 479 -37.19 3.62 -8.40
C ARG B 479 -38.18 3.92 -9.52
#